data_7MPS
#
_entry.id   7MPS
#
_cell.length_a   110.671
_cell.length_b   110.671
_cell.length_c   110.151
_cell.angle_alpha   90.000
_cell.angle_beta   90.000
_cell.angle_gamma   90.000
#
_symmetry.space_group_name_H-M   'P 4'
#
loop_
_entity.id
_entity.type
_entity.pdbx_description
1 polymer 'NanoRNase C'
2 non-polymer '4-(2-HYDROXYETHYL)-1-PIPERAZINE ETHANESULFONIC ACID'
3 non-polymer 'SULFATE ION'
4 water water
#
_entity_poly.entity_id   1
_entity_poly.type   'polypeptide(L)'
_entity_poly.pdbx_seq_one_letter_code
;SMTIRFHRNDLPNLDNYQVDAVAIDTETLGLNPHRDRLCVVQISPGDGTADVIQIEAGQKKAPNLVKLLKDRSITKIFHF
GRFDLAVLAHAFGTMPQPVFCTKIASKLTRTYTDRHGLKEICSELLDVSISKQQQSSDWAAEVLSQAQLEYAASDVLYLH
RLKAVLEQRLERDGRTKQAEACFKFLPTRSELDLMGWAESDIFAHS
;
_entity_poly.pdbx_strand_id   A,B,C,D
#
loop_
_chem_comp.id
_chem_comp.type
_chem_comp.name
_chem_comp.formula
EPE non-polymer '4-(2-HYDROXYETHYL)-1-PIPERAZINE ETHANESULFONIC ACID' 'C8 H18 N2 O4 S'
SO4 non-polymer 'SULFATE ION' 'O4 S -2'
#
# COMPACT_ATOMS: atom_id res chain seq x y z
N MET A 2 -22.61 -23.82 60.04
CA MET A 2 -22.58 -24.03 58.60
C MET A 2 -23.96 -24.44 58.10
N THR A 3 -24.65 -23.54 57.41
CA THR A 3 -25.99 -23.82 56.90
C THR A 3 -25.86 -24.46 55.52
N ILE A 4 -26.05 -25.77 55.48
CA ILE A 4 -25.94 -26.56 54.26
C ILE A 4 -27.29 -27.21 53.99
N ARG A 5 -27.79 -27.03 52.78
CA ARG A 5 -29.02 -27.67 52.32
C ARG A 5 -28.63 -28.73 51.30
N PHE A 6 -28.97 -29.99 51.58
CA PHE A 6 -28.63 -31.09 50.70
C PHE A 6 -29.81 -31.43 49.78
N HIS A 7 -29.48 -31.75 48.52
CA HIS A 7 -30.50 -32.08 47.52
C HIS A 7 -30.03 -33.23 46.65
N ARG A 8 -30.98 -34.00 46.15
CA ARG A 8 -30.74 -34.96 45.08
C ARG A 8 -31.13 -34.35 43.75
N ASN A 9 -30.24 -34.46 42.77
CA ASN A 9 -30.49 -34.13 41.36
C ASN A 9 -30.51 -32.63 41.03
N ASP A 10 -31.26 -31.83 41.78
CA ASP A 10 -31.47 -30.44 41.38
C ASP A 10 -31.91 -29.64 42.59
N LEU A 11 -31.79 -28.32 42.49
CA LEU A 11 -32.47 -27.44 43.43
C LEU A 11 -33.98 -27.67 43.31
N PRO A 12 -34.73 -27.61 44.42
CA PRO A 12 -36.18 -27.84 44.34
C PRO A 12 -36.94 -26.66 43.78
N ASN A 13 -36.36 -25.48 43.91
CA ASN A 13 -36.92 -24.23 43.41
C ASN A 13 -35.81 -23.19 43.50
N LEU A 14 -36.12 -21.97 43.09
CA LEU A 14 -35.15 -20.89 43.12
C LEU A 14 -35.46 -19.86 44.21
N ASP A 15 -36.13 -20.30 45.28
CA ASP A 15 -36.55 -19.38 46.34
C ASP A 15 -35.36 -18.69 46.99
N ASN A 16 -34.22 -19.37 47.06
CA ASN A 16 -33.02 -18.80 47.68
C ASN A 16 -32.12 -18.10 46.66
N TYR A 17 -32.55 -18.00 45.40
CA TYR A 17 -31.69 -17.55 44.31
C TYR A 17 -32.25 -16.34 43.58
N GLN A 18 -32.94 -15.46 44.31
CA GLN A 18 -33.37 -14.16 43.78
C GLN A 18 -32.23 -13.16 44.00
N VAL A 19 -31.13 -13.42 43.29
CA VAL A 19 -29.85 -12.73 43.48
C VAL A 19 -29.25 -12.42 42.12
N ASP A 20 -28.24 -11.53 42.12
CA ASP A 20 -27.57 -11.13 40.90
C ASP A 20 -26.28 -11.89 40.63
N ALA A 21 -25.84 -12.73 41.56
CA ALA A 21 -24.63 -13.52 41.38
C ALA A 21 -24.74 -14.76 42.25
N VAL A 22 -24.22 -15.88 41.74
CA VAL A 22 -24.18 -17.14 42.48
C VAL A 22 -22.76 -17.65 42.43
N ALA A 23 -22.37 -18.41 43.47
CA ALA A 23 -21.05 -19.01 43.56
C ALA A 23 -21.19 -20.51 43.33
N ILE A 24 -20.36 -21.06 42.43
CA ILE A 24 -20.52 -22.46 42.01
C ILE A 24 -19.18 -23.20 42.04
N ASP A 25 -19.22 -24.47 42.42
CA ASP A 25 -18.11 -25.40 42.20
C ASP A 25 -18.72 -26.77 41.94
N THR A 26 -17.86 -27.72 41.57
CA THR A 26 -18.33 -29.08 41.33
C THR A 26 -17.37 -30.08 41.94
N GLU A 27 -17.86 -31.30 42.11
CA GLU A 27 -17.00 -32.45 42.37
C GLU A 27 -17.27 -33.49 41.30
N THR A 28 -16.21 -34.19 40.89
CA THR A 28 -16.28 -35.14 39.80
C THR A 28 -15.41 -36.34 40.15
N LEU A 29 -15.41 -37.32 39.25
CA LEU A 29 -14.51 -38.46 39.38
C LEU A 29 -13.09 -38.18 38.88
N GLY A 30 -12.76 -36.95 38.51
CA GLY A 30 -11.40 -36.62 38.11
C GLY A 30 -11.37 -35.49 37.10
N LEU A 31 -10.20 -35.32 36.49
CA LEU A 31 -9.92 -34.12 35.72
C LEU A 31 -10.33 -34.17 34.26
N ASN A 32 -10.78 -35.33 33.76
CA ASN A 32 -11.10 -35.48 32.34
C ASN A 32 -12.62 -35.46 32.20
N PRO A 33 -13.23 -34.37 31.73
CA PRO A 33 -14.70 -34.33 31.72
C PRO A 33 -15.34 -35.39 30.85
N HIS A 34 -14.66 -35.87 29.82
CA HIS A 34 -15.27 -36.90 28.99
C HIS A 34 -15.28 -38.26 29.66
N ARG A 35 -14.32 -38.52 30.56
CA ARG A 35 -14.22 -39.80 31.25
C ARG A 35 -14.86 -39.77 32.63
N ASP A 36 -14.77 -38.63 33.33
CA ASP A 36 -15.02 -38.54 34.76
C ASP A 36 -16.29 -37.72 35.00
N ARG A 37 -17.36 -38.40 35.41
CA ARG A 37 -18.67 -37.78 35.45
C ARG A 37 -18.80 -36.74 36.56
N LEU A 38 -19.74 -35.83 36.35
CA LEU A 38 -20.16 -34.89 37.39
C LEU A 38 -20.85 -35.64 38.51
N CYS A 39 -20.45 -35.35 39.75
CA CYS A 39 -20.99 -36.05 40.91
C CYS A 39 -21.70 -35.13 41.90
N VAL A 40 -21.25 -33.88 42.05
CA VAL A 40 -21.83 -32.92 42.98
C VAL A 40 -21.77 -31.55 42.32
N VAL A 41 -22.84 -30.78 42.46
CA VAL A 41 -22.81 -29.34 42.22
C VAL A 41 -23.06 -28.64 43.54
N GLN A 42 -22.15 -27.76 43.92
CA GLN A 42 -22.34 -26.95 45.11
C GLN A 42 -22.53 -25.49 44.70
N ILE A 43 -23.46 -24.82 45.36
CA ILE A 43 -23.83 -23.47 44.95
C ILE A 43 -24.24 -22.66 46.17
N SER A 44 -23.88 -21.37 46.16
CA SER A 44 -24.27 -20.48 47.25
C SER A 44 -24.84 -19.19 46.71
N PRO A 45 -25.90 -18.66 47.33
CA PRO A 45 -26.40 -17.33 46.96
C PRO A 45 -25.54 -16.17 47.45
N GLY A 46 -24.52 -16.44 48.26
CA GLY A 46 -23.69 -15.40 48.83
C GLY A 46 -24.11 -14.92 50.21
N ASP A 47 -25.08 -15.59 50.84
CA ASP A 47 -25.63 -15.19 52.13
C ASP A 47 -25.13 -16.06 53.28
N GLY A 48 -24.01 -16.76 53.09
CA GLY A 48 -23.49 -17.63 54.14
C GLY A 48 -24.16 -18.98 54.22
N THR A 49 -24.97 -19.35 53.22
CA THR A 49 -25.53 -20.69 53.11
C THR A 49 -25.09 -21.33 51.80
N ALA A 50 -25.24 -22.64 51.73
CA ALA A 50 -24.84 -23.40 50.56
C ALA A 50 -25.83 -24.52 50.30
N ASP A 51 -26.01 -24.81 49.02
CA ASP A 51 -26.75 -25.98 48.55
C ASP A 51 -25.75 -26.96 47.96
N VAL A 52 -25.85 -28.22 48.38
CA VAL A 52 -24.98 -29.28 47.87
C VAL A 52 -25.88 -30.31 47.19
N ILE A 53 -25.68 -30.50 45.88
CA ILE A 53 -26.60 -31.26 45.05
C ILE A 53 -25.89 -32.50 44.54
N GLN A 54 -26.37 -33.68 44.94
CA GLN A 54 -25.79 -34.93 44.48
C GLN A 54 -26.34 -35.28 43.10
N ILE A 55 -25.44 -35.48 42.14
CA ILE A 55 -25.80 -35.74 40.75
C ILE A 55 -25.66 -37.23 40.48
N GLU A 56 -26.69 -37.84 39.91
CA GLU A 56 -26.69 -39.27 39.68
C GLU A 56 -25.90 -39.63 38.41
N ALA A 57 -25.43 -40.88 38.37
CA ALA A 57 -24.84 -41.39 37.14
C ALA A 57 -25.87 -41.38 36.03
N GLY A 58 -25.48 -40.88 34.87
CA GLY A 58 -26.38 -40.79 33.73
C GLY A 58 -27.41 -39.68 33.80
N GLN A 59 -27.30 -38.79 34.77
CA GLN A 59 -28.28 -37.71 34.91
C GLN A 59 -28.06 -36.69 33.81
N LYS A 60 -29.12 -36.42 33.03
CA LYS A 60 -28.99 -35.52 31.89
C LYS A 60 -29.61 -34.14 32.11
N LYS A 61 -30.46 -33.97 33.12
CA LYS A 61 -31.16 -32.71 33.32
C LYS A 61 -31.04 -32.24 34.76
N ALA A 62 -31.10 -30.91 34.94
CA ALA A 62 -31.14 -30.26 36.24
C ALA A 62 -31.79 -28.91 36.00
N PRO A 63 -33.11 -28.87 35.78
CA PRO A 63 -33.71 -27.68 35.17
C PRO A 63 -33.60 -26.41 36.00
N ASN A 64 -33.69 -26.49 37.33
CA ASN A 64 -33.60 -25.27 38.12
C ASN A 64 -32.18 -24.71 38.15
N LEU A 65 -31.20 -25.59 38.33
CA LEU A 65 -29.81 -25.16 38.22
C LEU A 65 -29.53 -24.58 36.84
N VAL A 66 -30.01 -25.24 35.79
CA VAL A 66 -29.76 -24.78 34.43
C VAL A 66 -30.38 -23.40 34.18
N LYS A 67 -31.53 -23.11 34.79
CA LYS A 67 -32.10 -21.77 34.69
C LYS A 67 -31.12 -20.72 35.17
N LEU A 68 -30.46 -20.98 36.31
CA LEU A 68 -29.47 -20.04 36.81
C LEU A 68 -28.27 -19.94 35.87
N LEU A 69 -27.81 -21.07 35.33
CA LEU A 69 -26.65 -21.06 34.44
C LEU A 69 -26.94 -20.27 33.17
N LYS A 70 -28.18 -20.35 32.66
CA LYS A 70 -28.58 -19.64 31.44
C LYS A 70 -28.88 -18.18 31.68
N ASP A 71 -29.23 -17.79 32.90
CA ASP A 71 -29.75 -16.45 33.15
C ASP A 71 -28.63 -15.43 32.99
N ARG A 72 -28.70 -14.61 31.94
CA ARG A 72 -27.62 -13.68 31.65
C ARG A 72 -27.56 -12.51 32.64
N SER A 73 -28.60 -12.32 33.46
CA SER A 73 -28.58 -11.29 34.48
C SER A 73 -27.91 -11.74 35.77
N ILE A 74 -27.49 -13.00 35.84
CA ILE A 74 -26.87 -13.57 37.04
C ILE A 74 -25.43 -13.93 36.70
N THR A 75 -24.48 -13.34 37.42
CA THR A 75 -23.07 -13.70 37.24
C THR A 75 -22.77 -14.99 37.97
N LYS A 76 -22.15 -15.93 37.28
CA LYS A 76 -21.72 -17.19 37.89
C LYS A 76 -20.27 -17.02 38.31
N ILE A 77 -20.01 -17.10 39.63
CA ILE A 77 -18.68 -16.92 40.19
C ILE A 77 -18.07 -18.29 40.44
N PHE A 78 -16.83 -18.48 39.97
CA PHE A 78 -16.07 -19.70 40.21
C PHE A 78 -14.68 -19.33 40.68
N HIS A 79 -14.03 -20.26 41.38
CA HIS A 79 -12.57 -20.26 41.44
C HIS A 79 -11.96 -21.20 40.41
N PHE A 80 -12.53 -22.39 40.26
CA PHE A 80 -12.11 -23.35 39.24
C PHE A 80 -12.93 -23.19 37.95
N GLY A 81 -12.90 -21.97 37.38
CA GLY A 81 -13.85 -21.64 36.33
C GLY A 81 -13.65 -22.47 35.07
N ARG A 82 -12.42 -22.49 34.54
CA ARG A 82 -12.17 -23.21 33.30
C ARG A 82 -12.62 -24.67 33.38
N PHE A 83 -12.33 -25.32 34.51
CA PHE A 83 -12.76 -26.71 34.67
C PHE A 83 -14.27 -26.83 34.86
N ASP A 84 -14.83 -26.08 35.81
CA ASP A 84 -16.24 -26.26 36.17
C ASP A 84 -17.16 -25.92 35.00
N LEU A 85 -16.81 -24.91 34.21
CA LEU A 85 -17.64 -24.57 33.05
C LEU A 85 -17.70 -25.73 32.06
N ALA A 86 -16.57 -26.36 31.80
CA ALA A 86 -16.56 -27.53 30.91
C ALA A 86 -17.40 -28.66 31.49
N VAL A 87 -17.27 -28.93 32.78
CA VAL A 87 -18.01 -30.02 33.40
C VAL A 87 -19.51 -29.76 33.33
N LEU A 88 -19.92 -28.54 33.63
CA LEU A 88 -21.35 -28.22 33.64
C LEU A 88 -21.93 -28.25 32.23
N ALA A 89 -21.22 -27.67 31.26
CA ALA A 89 -21.70 -27.71 29.88
C ALA A 89 -21.81 -29.14 29.38
N HIS A 90 -20.83 -29.97 29.71
CA HIS A 90 -20.86 -31.37 29.27
C HIS A 90 -22.02 -32.12 29.91
N ALA A 91 -22.33 -31.82 31.17
CA ALA A 91 -23.36 -32.58 31.87
C ALA A 91 -24.75 -32.23 31.38
N PHE A 92 -25.05 -30.93 31.26
CA PHE A 92 -26.44 -30.50 31.09
C PHE A 92 -26.70 -29.72 29.82
N GLY A 93 -25.68 -29.41 29.02
CA GLY A 93 -25.88 -28.85 27.69
C GLY A 93 -25.86 -27.34 27.59
N THR A 94 -25.68 -26.63 28.70
CA THR A 94 -25.68 -25.17 28.71
C THR A 94 -24.31 -24.70 29.19
N MET A 95 -23.67 -23.84 28.40
CA MET A 95 -22.41 -23.23 28.84
C MET A 95 -22.78 -22.01 29.68
N PRO A 96 -22.50 -21.99 30.98
CA PRO A 96 -22.92 -20.87 31.82
C PRO A 96 -22.26 -19.56 31.40
N GLN A 97 -23.02 -18.47 31.45
CA GLN A 97 -22.49 -17.13 31.25
C GLN A 97 -23.48 -16.11 31.78
N PRO A 98 -23.02 -14.91 32.19
CA PRO A 98 -21.61 -14.48 32.25
C PRO A 98 -20.95 -15.01 33.51
N VAL A 99 -19.62 -14.86 33.62
CA VAL A 99 -18.87 -15.48 34.70
C VAL A 99 -17.89 -14.48 35.31
N PHE A 100 -17.45 -14.79 36.53
CA PHE A 100 -16.30 -14.15 37.16
C PHE A 100 -15.45 -15.27 37.72
N CYS A 101 -14.14 -15.26 37.45
CA CYS A 101 -13.24 -16.28 37.97
C CYS A 101 -12.27 -15.66 38.96
N THR A 102 -12.33 -16.14 40.21
CA THR A 102 -11.45 -15.59 41.23
C THR A 102 -9.99 -15.99 41.03
N LYS A 103 -9.72 -17.10 40.33
CA LYS A 103 -8.33 -17.47 40.08
C LYS A 103 -7.70 -16.54 39.04
N ILE A 104 -8.40 -16.27 37.94
CA ILE A 104 -7.93 -15.29 36.97
C ILE A 104 -7.77 -13.93 37.63
N ALA A 105 -8.76 -13.52 38.42
CA ALA A 105 -8.65 -12.22 39.08
C ALA A 105 -7.45 -12.17 40.04
N SER A 106 -7.18 -13.28 40.74
CA SER A 106 -5.99 -13.35 41.59
C SER A 106 -4.72 -13.21 40.77
N LYS A 107 -4.62 -13.91 39.64
CA LYS A 107 -3.42 -13.81 38.80
C LYS A 107 -3.18 -12.38 38.33
N LEU A 108 -4.25 -11.62 38.11
CA LEU A 108 -4.16 -10.25 37.62
C LEU A 108 -3.95 -9.21 38.72
N THR A 109 -3.99 -9.60 40.00
CA THR A 109 -3.85 -8.65 41.11
C THR A 109 -2.75 -9.05 42.09
N ARG A 110 -2.63 -10.33 42.41
CA ARG A 110 -1.66 -10.82 43.39
C ARG A 110 -0.39 -11.17 42.64
N THR A 111 0.28 -10.11 42.16
CA THR A 111 1.42 -10.19 41.27
C THR A 111 2.71 -10.56 41.98
N TYR A 112 2.67 -10.70 43.31
CA TYR A 112 3.81 -10.96 44.17
C TYR A 112 3.94 -12.43 44.53
N THR A 113 3.14 -13.29 43.91
CA THR A 113 3.12 -14.70 44.28
C THR A 113 2.74 -15.56 43.08
N ASP A 114 3.15 -16.83 43.16
CA ASP A 114 2.68 -17.86 42.23
C ASP A 114 1.64 -18.78 42.87
N ARG A 115 1.15 -18.45 44.06
CA ARG A 115 0.19 -19.28 44.78
C ARG A 115 -1.20 -18.64 44.62
N HIS A 116 -2.04 -19.24 43.76
CA HIS A 116 -3.37 -18.74 43.45
C HIS A 116 -4.47 -19.73 43.78
N GLY A 117 -4.20 -20.66 44.70
CA GLY A 117 -5.21 -21.62 45.10
C GLY A 117 -6.28 -21.01 45.98
N LEU A 118 -7.41 -21.72 46.08
CA LEU A 118 -8.53 -21.20 46.84
C LEU A 118 -8.22 -21.10 48.33
N LYS A 119 -7.60 -22.13 48.91
CA LYS A 119 -7.20 -22.05 50.31
C LYS A 119 -6.33 -20.84 50.57
N GLU A 120 -5.35 -20.59 49.69
CA GLU A 120 -4.44 -19.47 49.89
C GLU A 120 -5.17 -18.13 49.88
N ILE A 121 -6.05 -17.92 48.90
CA ILE A 121 -6.69 -16.61 48.82
C ILE A 121 -7.74 -16.41 49.91
N CYS A 122 -8.41 -17.49 50.32
CA CYS A 122 -9.32 -17.37 51.47
C CYS A 122 -8.56 -16.90 52.70
N SER A 123 -7.37 -17.47 52.94
CA SER A 123 -6.58 -17.10 54.10
C SER A 123 -6.05 -15.67 53.96
N GLU A 124 -5.48 -15.35 52.80
CA GLU A 124 -4.82 -14.06 52.66
C GLU A 124 -5.80 -12.91 52.57
N LEU A 125 -6.90 -13.07 51.82
CA LEU A 125 -7.81 -11.96 51.57
C LEU A 125 -8.88 -11.82 52.64
N LEU A 126 -9.30 -12.93 53.27
CA LEU A 126 -10.41 -12.92 54.22
C LEU A 126 -10.08 -13.45 55.60
N ASP A 127 -8.88 -14.01 55.83
CA ASP A 127 -8.55 -14.72 57.07
C ASP A 127 -9.52 -15.87 57.35
N VAL A 128 -9.93 -16.57 56.30
CA VAL A 128 -10.81 -17.74 56.41
C VAL A 128 -10.00 -18.98 56.09
N SER A 129 -10.19 -20.05 56.88
CA SER A 129 -9.45 -21.29 56.74
CA SER A 129 -9.45 -21.29 56.75
C SER A 129 -10.36 -22.36 56.13
N ILE A 130 -9.95 -22.91 54.98
CA ILE A 130 -10.61 -24.03 54.34
C ILE A 130 -9.55 -25.06 53.93
N SER A 131 -10.00 -26.24 53.54
CA SER A 131 -9.07 -27.27 53.08
CA SER A 131 -9.09 -27.28 53.06
C SER A 131 -8.68 -27.01 51.62
N LYS A 132 -7.45 -27.38 51.29
CA LYS A 132 -7.06 -27.39 49.89
C LYS A 132 -7.82 -28.50 49.17
N GLN A 133 -7.77 -28.49 47.84
CA GLN A 133 -8.41 -29.55 47.07
C GLN A 133 -7.72 -30.88 47.36
N GLN A 134 -8.51 -31.89 47.69
CA GLN A 134 -8.01 -33.20 48.09
C GLN A 134 -8.19 -34.21 46.95
N GLN A 135 -7.50 -35.35 47.10
CA GLN A 135 -7.57 -36.46 46.15
C GLN A 135 -7.97 -37.77 46.83
N SER A 136 -8.68 -37.69 47.95
CA SER A 136 -8.99 -38.86 48.76
CA SER A 136 -8.99 -38.87 48.74
C SER A 136 -10.45 -39.27 48.69
N SER A 137 -11.29 -38.56 47.95
CA SER A 137 -12.72 -38.81 47.94
C SER A 137 -13.18 -39.41 46.62
N ASP A 138 -13.89 -40.54 46.71
CA ASP A 138 -14.71 -41.07 45.62
C ASP A 138 -16.03 -40.32 45.65
N TRP A 139 -16.15 -39.28 44.84
CA TRP A 139 -17.35 -38.44 44.86
C TRP A 139 -18.57 -39.10 44.21
N ALA A 140 -18.39 -40.26 43.58
CA ALA A 140 -19.47 -41.05 43.03
C ALA A 140 -20.06 -42.04 44.04
N ALA A 141 -19.63 -41.99 45.29
CA ALA A 141 -20.19 -42.87 46.31
C ALA A 141 -21.68 -42.61 46.50
N GLU A 142 -22.42 -43.66 46.83
CA GLU A 142 -23.87 -43.49 46.94
C GLU A 142 -24.26 -42.58 48.11
N VAL A 143 -23.50 -42.62 49.21
CA VAL A 143 -23.76 -41.81 50.38
C VAL A 143 -22.57 -40.91 50.66
N LEU A 144 -22.78 -39.59 50.55
CA LEU A 144 -21.76 -38.62 50.91
C LEU A 144 -21.82 -38.33 52.40
N SER A 145 -20.65 -38.21 53.02
CA SER A 145 -20.54 -37.98 54.45
C SER A 145 -20.77 -36.51 54.79
N GLN A 146 -21.02 -36.25 56.08
CA GLN A 146 -21.12 -34.89 56.57
C GLN A 146 -19.84 -34.10 56.28
N ALA A 147 -18.67 -34.74 56.45
CA ALA A 147 -17.42 -34.07 56.17
C ALA A 147 -17.32 -33.67 54.70
N GLN A 148 -17.80 -34.55 53.81
CA GLN A 148 -17.79 -34.23 52.39
C GLN A 148 -18.74 -33.09 52.06
N LEU A 149 -19.93 -33.06 52.68
CA LEU A 149 -20.84 -31.95 52.43
C LEU A 149 -20.22 -30.62 52.89
N GLU A 150 -19.54 -30.64 54.03
CA GLU A 150 -18.91 -29.43 54.56
C GLU A 150 -17.73 -28.98 53.69
N TYR A 151 -16.93 -29.94 53.20
CA TYR A 151 -15.87 -29.61 52.25
C TYR A 151 -16.44 -28.97 51.00
N ALA A 152 -17.48 -29.59 50.42
CA ALA A 152 -18.08 -29.04 49.21
C ALA A 152 -18.64 -27.64 49.44
N ALA A 153 -19.33 -27.43 50.56
CA ALA A 153 -19.91 -26.12 50.86
C ALA A 153 -18.83 -25.06 51.05
N SER A 154 -17.71 -25.43 51.69
CA SER A 154 -16.64 -24.46 51.93
C SER A 154 -16.10 -23.88 50.63
N ASP A 155 -16.22 -24.63 49.53
CA ASP A 155 -15.67 -24.16 48.26
C ASP A 155 -16.52 -23.07 47.62
N VAL A 156 -17.75 -22.88 48.06
CA VAL A 156 -18.62 -21.83 47.52
C VAL A 156 -19.02 -20.76 48.53
N LEU A 157 -18.82 -20.98 49.83
CA LEU A 157 -19.32 -20.03 50.82
C LEU A 157 -18.62 -18.67 50.79
N TYR A 158 -17.43 -18.59 50.18
CA TYR A 158 -16.60 -17.40 50.28
C TYR A 158 -16.34 -16.73 48.93
N LEU A 159 -16.88 -17.26 47.82
CA LEU A 159 -16.53 -16.72 46.51
C LEU A 159 -17.07 -15.31 46.29
N HIS A 160 -18.28 -15.00 46.80
CA HIS A 160 -18.76 -13.63 46.65
C HIS A 160 -17.84 -12.65 47.36
N ARG A 161 -17.40 -12.99 48.57
CA ARG A 161 -16.52 -12.09 49.31
C ARG A 161 -15.15 -11.97 48.63
N LEU A 162 -14.63 -13.06 48.10
CA LEU A 162 -13.37 -12.97 47.35
C LEU A 162 -13.52 -12.09 46.12
N LYS A 163 -14.63 -12.25 45.38
CA LYS A 163 -14.88 -11.41 44.22
C LYS A 163 -14.91 -9.93 44.59
N ALA A 164 -15.57 -9.58 45.71
CA ALA A 164 -15.62 -8.17 46.10
C ALA A 164 -14.22 -7.60 46.36
N VAL A 165 -13.36 -8.34 47.08
CA VAL A 165 -11.99 -7.87 47.31
C VAL A 165 -11.23 -7.76 46.00
N LEU A 166 -11.30 -8.79 45.17
CA LEU A 166 -10.54 -8.80 43.92
C LEU A 166 -10.98 -7.69 42.98
N GLU A 167 -12.27 -7.37 42.96
CA GLU A 167 -12.74 -6.23 42.16
C GLU A 167 -12.11 -4.92 42.63
N GLN A 168 -11.99 -4.73 43.94
CA GLN A 168 -11.31 -3.53 44.43
C GLN A 168 -9.87 -3.49 43.95
N ARG A 169 -9.17 -4.62 44.01
CA ARG A 169 -7.77 -4.65 43.63
C ARG A 169 -7.59 -4.47 42.13
N LEU A 170 -8.49 -5.05 41.32
CA LEU A 170 -8.45 -4.83 39.87
C LEU A 170 -8.60 -3.35 39.53
N GLU A 171 -9.52 -2.65 40.20
CA GLU A 171 -9.67 -1.23 39.94
CA GLU A 171 -9.68 -1.22 39.95
C GLU A 171 -8.46 -0.45 40.43
N ARG A 172 -7.95 -0.78 41.63
CA ARG A 172 -6.80 -0.06 42.15
C ARG A 172 -5.61 -0.15 41.19
N ASP A 173 -5.37 -1.33 40.62
CA ASP A 173 -4.17 -1.55 39.82
C ASP A 173 -4.43 -1.44 38.33
N GLY A 174 -5.64 -1.05 37.93
CA GLY A 174 -5.92 -0.64 36.56
C GLY A 174 -6.17 -1.76 35.57
N ARG A 175 -6.74 -2.88 36.01
CA ARG A 175 -6.88 -4.06 35.16
C ARG A 175 -8.31 -4.56 35.02
N THR A 176 -9.30 -3.77 35.42
CA THR A 176 -10.69 -4.20 35.36
C THR A 176 -11.10 -4.61 33.94
N LYS A 177 -10.76 -3.81 32.92
CA LYS A 177 -11.22 -4.11 31.57
CA LYS A 177 -11.20 -4.10 31.56
C LYS A 177 -10.57 -5.38 31.04
N GLN A 178 -9.29 -5.60 31.32
CA GLN A 178 -8.64 -6.82 30.85
C GLN A 178 -9.21 -8.05 31.53
N ALA A 179 -9.49 -7.96 32.84
CA ALA A 179 -10.12 -9.08 33.53
C ALA A 179 -11.48 -9.40 32.94
N GLU A 180 -12.29 -8.37 32.65
CA GLU A 180 -13.60 -8.60 32.07
C GLU A 180 -13.50 -9.30 30.72
N ALA A 181 -12.50 -8.93 29.92
CA ALA A 181 -12.32 -9.62 28.64
C ALA A 181 -11.92 -11.08 28.83
N CYS A 182 -11.09 -11.37 29.85
CA CYS A 182 -10.79 -12.76 30.20
C CYS A 182 -12.05 -13.51 30.59
N PHE A 183 -12.92 -12.89 31.40
CA PHE A 183 -14.16 -13.56 31.79
C PHE A 183 -15.08 -13.78 30.59
N LYS A 184 -15.10 -12.84 29.63
CA LYS A 184 -15.92 -13.04 28.44
C LYS A 184 -15.40 -14.20 27.59
N PHE A 185 -14.07 -14.38 27.55
CA PHE A 185 -13.50 -15.47 26.76
C PHE A 185 -13.57 -16.80 27.46
N LEU A 186 -13.59 -16.82 28.80
CA LEU A 186 -13.48 -18.08 29.54
C LEU A 186 -14.45 -19.16 29.09
N PRO A 187 -15.74 -18.89 28.81
CA PRO A 187 -16.61 -19.96 28.30
C PRO A 187 -16.09 -20.60 27.02
N THR A 188 -15.52 -19.80 26.11
CA THR A 188 -14.91 -20.36 24.91
C THR A 188 -13.69 -21.20 25.24
N ARG A 189 -12.86 -20.74 26.19
CA ARG A 189 -11.71 -21.54 26.60
C ARG A 189 -12.15 -22.92 27.08
N SER A 190 -13.25 -22.98 27.84
CA SER A 190 -13.79 -24.26 28.31
C SER A 190 -14.38 -25.09 27.16
N GLU A 191 -15.05 -24.43 26.21
CA GLU A 191 -15.55 -25.14 25.03
C GLU A 191 -14.39 -25.76 24.24
N LEU A 192 -13.31 -25.00 24.06
CA LEU A 192 -12.15 -25.52 23.34
C LEU A 192 -11.55 -26.72 24.07
N ASP A 193 -11.56 -26.71 25.40
CA ASP A 193 -11.12 -27.88 26.14
C ASP A 193 -11.97 -29.10 25.80
N LEU A 194 -13.30 -28.96 25.85
CA LEU A 194 -14.18 -30.06 25.48
C LEU A 194 -13.98 -30.51 24.04
N MET A 195 -13.63 -29.57 23.15
CA MET A 195 -13.50 -29.88 21.74
C MET A 195 -12.21 -30.62 21.40
N GLY A 196 -11.22 -30.61 22.30
CA GLY A 196 -10.00 -31.34 22.05
C GLY A 196 -8.71 -30.54 22.19
N TRP A 197 -8.79 -29.32 22.73
CA TRP A 197 -7.61 -28.48 22.92
C TRP A 197 -7.27 -28.27 24.39
N ALA A 198 -7.65 -29.20 25.26
CA ALA A 198 -7.44 -28.99 26.69
C ALA A 198 -5.98 -28.82 27.07
N GLU A 199 -5.06 -29.36 26.28
CA GLU A 199 -3.63 -29.27 26.59
C GLU A 199 -2.89 -28.21 25.78
N SER A 200 -3.60 -27.35 25.06
CA SER A 200 -2.98 -26.38 24.17
C SER A 200 -3.40 -24.97 24.56
N ASP A 201 -2.43 -24.07 24.63
CA ASP A 201 -2.72 -22.63 24.71
C ASP A 201 -2.96 -22.13 23.29
N ILE A 202 -4.22 -21.80 22.98
CA ILE A 202 -4.58 -21.40 21.63
C ILE A 202 -3.88 -20.11 21.20
N PHE A 203 -3.39 -19.32 22.16
CA PHE A 203 -2.69 -18.08 21.84
C PHE A 203 -1.18 -18.22 21.74
N ALA A 204 -0.64 -19.43 21.85
CA ALA A 204 0.81 -19.62 21.74
C ALA A 204 1.29 -19.37 20.32
N HIS A 205 2.56 -18.99 20.20
CA HIS A 205 3.14 -18.77 18.89
C HIS A 205 3.44 -20.11 18.19
N SER B 1 7.89 -1.96 -8.69
CA SER B 1 6.90 -1.88 -9.75
C SER B 1 5.53 -1.50 -9.19
N MET B 2 4.47 -2.03 -9.81
CA MET B 2 3.12 -1.76 -9.32
C MET B 2 2.76 -2.63 -8.11
N THR B 3 3.46 -3.74 -7.90
CA THR B 3 3.07 -4.63 -6.80
C THR B 3 3.42 -4.04 -5.44
N ILE B 4 4.58 -3.37 -5.32
CA ILE B 4 5.04 -2.85 -4.03
C ILE B 4 5.16 -1.34 -4.11
N ARG B 5 4.51 -0.65 -3.18
CA ARG B 5 4.60 0.81 -3.06
C ARG B 5 5.31 1.13 -1.76
N PHE B 6 6.41 1.88 -1.84
CA PHE B 6 7.22 2.23 -0.68
C PHE B 6 6.90 3.65 -0.20
N HIS B 7 6.79 3.81 1.12
CA HIS B 7 6.46 5.10 1.72
C HIS B 7 7.31 5.34 2.96
N ARG B 8 7.51 6.63 3.27
CA ARG B 8 8.09 7.06 4.54
C ARG B 8 6.97 7.47 5.49
N ASN B 9 7.00 6.89 6.70
CA ASN B 9 6.22 7.33 7.87
C ASN B 9 4.77 6.87 7.91
N ASP B 10 4.04 7.02 6.79
CA ASP B 10 2.60 6.76 6.80
C ASP B 10 2.17 6.50 5.37
N LEU B 11 0.96 5.96 5.23
CA LEU B 11 0.31 5.96 3.92
C LEU B 11 0.08 7.40 3.49
N PRO B 12 0.17 7.71 2.17
CA PRO B 12 0.01 9.09 1.71
C PRO B 12 -1.44 9.58 1.75
N ASN B 13 -2.36 8.65 1.51
CA ASN B 13 -3.80 8.85 1.66
C ASN B 13 -4.42 7.45 1.71
N LEU B 14 -5.75 7.38 1.70
CA LEU B 14 -6.43 6.09 1.82
C LEU B 14 -7.16 5.68 0.54
N ASP B 15 -6.69 6.16 -0.62
CA ASP B 15 -7.32 5.82 -1.90
C ASP B 15 -7.38 4.31 -2.15
N ASN B 16 -6.34 3.57 -1.77
CA ASN B 16 -6.31 2.13 -1.97
C ASN B 16 -6.95 1.35 -0.83
N TYR B 17 -7.52 2.04 0.17
CA TYR B 17 -7.97 1.39 1.40
C TYR B 17 -9.45 1.62 1.68
N GLN B 18 -10.23 1.80 0.63
CA GLN B 18 -11.69 1.84 0.72
C GLN B 18 -12.22 0.41 0.62
N VAL B 19 -11.94 -0.37 1.67
CA VAL B 19 -12.11 -1.82 1.68
C VAL B 19 -12.62 -2.26 3.06
N ASP B 20 -13.13 -3.49 3.12
CA ASP B 20 -13.69 -4.02 4.36
C ASP B 20 -12.69 -4.78 5.22
N ALA B 21 -11.49 -5.07 4.70
CA ALA B 21 -10.49 -5.81 5.44
C ALA B 21 -9.13 -5.46 4.86
N VAL B 22 -8.14 -5.32 5.74
CA VAL B 22 -6.77 -5.05 5.34
C VAL B 22 -5.88 -6.11 5.96
N ALA B 23 -4.75 -6.39 5.31
CA ALA B 23 -3.76 -7.35 5.80
C ALA B 23 -2.54 -6.60 6.30
N ILE B 24 -2.08 -6.90 7.52
CA ILE B 24 -1.00 -6.13 8.16
C ILE B 24 0.05 -7.05 8.74
N ASP B 25 1.31 -6.61 8.66
CA ASP B 25 2.40 -7.20 9.43
C ASP B 25 3.35 -6.06 9.77
N THR B 26 4.37 -6.37 10.59
CA THR B 26 5.36 -5.37 10.97
C THR B 26 6.75 -5.99 10.92
N GLU B 27 7.75 -5.12 10.85
CA GLU B 27 9.13 -5.49 11.13
C GLU B 27 9.65 -4.61 12.27
N THR B 28 10.45 -5.21 13.16
CA THR B 28 10.92 -4.52 14.35
C THR B 28 12.38 -4.90 14.58
N LEU B 29 12.97 -4.29 15.62
CA LEU B 29 14.31 -4.67 16.04
C LEU B 29 14.36 -5.94 16.89
N GLY B 30 13.23 -6.64 17.08
CA GLY B 30 13.23 -7.88 17.83
C GLY B 30 11.89 -8.13 18.51
N LEU B 31 11.90 -9.11 19.40
CA LEU B 31 10.65 -9.66 19.93
C LEU B 31 10.12 -8.94 21.16
N ASN B 32 10.87 -7.99 21.74
CA ASN B 32 10.45 -7.31 22.95
C ASN B 32 9.92 -5.93 22.59
N PRO B 33 8.60 -5.70 22.60
CA PRO B 33 8.10 -4.40 22.13
C PRO B 33 8.59 -3.21 22.95
N HIS B 34 8.91 -3.38 24.23
CA HIS B 34 9.39 -2.24 24.99
C HIS B 34 10.83 -1.87 24.63
N ARG B 35 11.63 -2.85 24.23
CA ARG B 35 13.02 -2.59 23.88
C ARG B 35 13.21 -2.34 22.38
N ASP B 36 12.44 -3.03 21.54
CA ASP B 36 12.73 -3.17 20.12
C ASP B 36 11.70 -2.40 19.31
N ARG B 37 12.13 -1.29 18.71
CA ARG B 37 11.18 -0.35 18.11
C ARG B 37 10.56 -0.91 16.82
N LEU B 38 9.40 -0.36 16.50
CA LEU B 38 8.75 -0.60 15.21
C LEU B 38 9.58 0.04 14.11
N CYS B 39 9.83 -0.71 13.03
CA CYS B 39 10.69 -0.25 11.93
C CYS B 39 9.98 -0.20 10.59
N VAL B 40 9.05 -1.11 10.32
CA VAL B 40 8.30 -1.18 9.07
C VAL B 40 6.88 -1.59 9.40
N VAL B 41 5.90 -0.97 8.74
CA VAL B 41 4.54 -1.50 8.70
C VAL B 41 4.27 -1.87 7.25
N GLN B 42 3.85 -3.10 7.02
CA GLN B 42 3.45 -3.52 5.68
C GLN B 42 1.95 -3.80 5.67
N ILE B 43 1.29 -3.37 4.61
CA ILE B 43 -0.17 -3.48 4.57
C ILE B 43 -0.62 -3.73 3.13
N SER B 44 -1.68 -4.52 2.98
CA SER B 44 -2.25 -4.79 1.66
C SER B 44 -3.77 -4.67 1.71
N PRO B 45 -4.40 -4.11 0.66
CA PRO B 45 -5.86 -4.11 0.60
C PRO B 45 -6.45 -5.38 0.06
N GLY B 46 -5.63 -6.38 -0.28
CA GLY B 46 -6.11 -7.66 -0.75
C GLY B 46 -6.20 -7.80 -2.25
N ASP B 47 -5.65 -6.85 -3.01
CA ASP B 47 -5.74 -6.83 -4.46
C ASP B 47 -4.45 -7.26 -5.14
N GLY B 48 -3.55 -7.94 -4.42
CA GLY B 48 -2.29 -8.34 -4.99
C GLY B 48 -1.23 -7.26 -4.99
N THR B 49 -1.45 -6.18 -4.24
CA THR B 49 -0.45 -5.14 -4.08
C THR B 49 -0.23 -4.89 -2.60
N ALA B 50 0.89 -4.24 -2.28
CA ALA B 50 1.25 -3.99 -0.89
C ALA B 50 1.94 -2.64 -0.76
N ASP B 51 1.71 -2.03 0.39
CA ASP B 51 2.40 -0.80 0.80
C ASP B 51 3.38 -1.17 1.91
N VAL B 52 4.63 -0.72 1.77
CA VAL B 52 5.68 -0.98 2.75
C VAL B 52 6.13 0.38 3.27
N ILE B 53 5.93 0.62 4.57
CA ILE B 53 6.06 1.95 5.19
C ILE B 53 7.22 1.90 6.17
N GLN B 54 8.27 2.68 5.90
CA GLN B 54 9.41 2.74 6.80
C GLN B 54 9.09 3.69 7.96
N ILE B 55 9.26 3.22 9.20
CA ILE B 55 8.89 3.95 10.41
C ILE B 55 10.17 4.49 11.03
N GLU B 56 10.20 5.78 11.35
CA GLU B 56 11.39 6.40 11.89
CA GLU B 56 11.41 6.36 11.88
C GLU B 56 11.53 6.12 13.38
N ALA B 57 12.77 6.19 13.87
CA ALA B 57 13.02 6.10 15.30
C ALA B 57 12.29 7.22 16.00
N GLY B 58 11.57 6.90 17.07
CA GLY B 58 10.85 7.89 17.85
C GLY B 58 9.53 8.30 17.26
N GLN B 59 9.08 7.68 16.18
CA GLN B 59 7.83 8.09 15.54
C GLN B 59 6.64 7.72 16.42
N LYS B 60 5.81 8.71 16.71
CA LYS B 60 4.67 8.51 17.59
C LYS B 60 3.34 8.57 16.85
N LYS B 61 3.32 9.07 15.61
CA LYS B 61 2.08 9.27 14.87
C LYS B 61 2.17 8.66 13.48
N ALA B 62 1.05 8.10 13.01
CA ALA B 62 0.91 7.68 11.61
C ALA B 62 -0.57 7.78 11.28
N PRO B 63 -1.08 8.99 11.06
CA PRO B 63 -2.54 9.21 11.13
C PRO B 63 -3.37 8.41 10.13
N ASN B 64 -2.90 8.22 8.90
CA ASN B 64 -3.70 7.49 7.93
C ASN B 64 -3.78 6.00 8.27
N LEU B 65 -2.62 5.39 8.57
CA LEU B 65 -2.63 4.02 9.06
C LEU B 65 -3.52 3.89 10.29
N VAL B 66 -3.39 4.82 11.23
CA VAL B 66 -4.14 4.73 12.49
C VAL B 66 -5.65 4.83 12.26
N LYS B 67 -6.09 5.64 11.28
CA LYS B 67 -7.52 5.64 10.93
C LYS B 67 -8.01 4.24 10.58
N LEU B 68 -7.21 3.49 9.81
CA LEU B 68 -7.60 2.12 9.47
C LEU B 68 -7.62 1.24 10.70
N LEU B 69 -6.62 1.38 11.58
CA LEU B 69 -6.55 0.54 12.77
C LEU B 69 -7.75 0.77 13.67
N LYS B 70 -8.22 2.02 13.77
CA LYS B 70 -9.34 2.39 14.62
C LYS B 70 -10.70 2.05 14.02
N ASP B 71 -10.79 1.95 12.69
CA ASP B 71 -12.06 1.82 12.00
C ASP B 71 -12.67 0.44 12.29
N ARG B 72 -13.75 0.42 13.07
CA ARG B 72 -14.37 -0.84 13.48
C ARG B 72 -15.09 -1.54 12.33
N SER B 73 -15.29 -0.88 11.19
CA SER B 73 -15.88 -1.50 10.02
C SER B 73 -14.84 -2.20 9.14
N ILE B 74 -13.56 -2.13 9.50
CA ILE B 74 -12.49 -2.77 8.73
C ILE B 74 -11.84 -3.84 9.59
N THR B 75 -11.88 -5.09 9.13
CA THR B 75 -11.19 -6.15 9.84
C THR B 75 -9.71 -6.10 9.51
N LYS B 76 -8.87 -6.12 10.54
CA LYS B 76 -7.43 -6.16 10.37
C LYS B 76 -7.00 -7.63 10.43
N ILE B 77 -6.44 -8.14 9.32
CA ILE B 77 -6.01 -9.53 9.20
C ILE B 77 -4.52 -9.59 9.48
N PHE B 78 -4.12 -10.53 10.36
CA PHE B 78 -2.72 -10.78 10.67
C PHE B 78 -2.47 -12.27 10.63
N HIS B 79 -1.20 -12.64 10.41
CA HIS B 79 -0.73 -13.96 10.82
C HIS B 79 -0.02 -13.90 12.16
N PHE B 80 0.79 -12.89 12.37
CA PHE B 80 1.48 -12.69 13.65
C PHE B 80 0.67 -11.73 14.53
N GLY B 81 -0.58 -12.09 14.81
CA GLY B 81 -1.51 -11.12 15.39
C GLY B 81 -1.14 -10.71 16.81
N ARG B 82 -0.92 -11.68 17.68
CA ARG B 82 -0.60 -11.36 19.07
C ARG B 82 0.59 -10.41 19.17
N PHE B 83 1.63 -10.65 18.36
CA PHE B 83 2.80 -9.78 18.37
C PHE B 83 2.52 -8.42 17.75
N ASP B 84 1.99 -8.42 16.52
CA ASP B 84 1.82 -7.17 15.79
C ASP B 84 0.84 -6.23 16.49
N LEU B 85 -0.20 -6.76 17.13
CA LEU B 85 -1.13 -5.88 17.84
C LEU B 85 -0.43 -5.14 18.98
N ALA B 86 0.43 -5.86 19.71
CA ALA B 86 1.19 -5.23 20.79
C ALA B 86 2.13 -4.16 20.23
N VAL B 87 2.82 -4.47 19.14
CA VAL B 87 3.77 -3.51 18.54
C VAL B 87 3.04 -2.26 18.08
N LEU B 88 1.90 -2.44 17.39
CA LEU B 88 1.20 -1.29 16.85
C LEU B 88 0.59 -0.43 17.94
N ALA B 89 0.01 -1.05 18.97
CA ALA B 89 -0.56 -0.29 20.08
C ALA B 89 0.52 0.47 20.82
N HIS B 90 1.69 -0.15 21.01
CA HIS B 90 2.77 0.51 21.71
C HIS B 90 3.30 1.69 20.91
N ALA B 91 3.33 1.57 19.58
CA ALA B 91 3.91 2.61 18.74
C ALA B 91 3.00 3.83 18.64
N PHE B 92 1.71 3.61 18.37
CA PHE B 92 0.83 4.71 17.98
C PHE B 92 -0.35 4.93 18.91
N GLY B 93 -0.53 4.10 19.94
CA GLY B 93 -1.51 4.37 20.96
C GLY B 93 -2.91 3.81 20.72
N THR B 94 -3.14 3.11 19.62
CA THR B 94 -4.44 2.54 19.28
C THR B 94 -4.30 1.03 19.21
N MET B 95 -5.15 0.31 19.95
CA MET B 95 -5.16 -1.14 19.82
C MET B 95 -6.08 -1.50 18.65
N PRO B 96 -5.56 -2.04 17.55
CA PRO B 96 -6.41 -2.32 16.38
C PRO B 96 -7.50 -3.34 16.69
N GLN B 97 -8.70 -3.08 16.14
CA GLN B 97 -9.80 -4.03 16.22
C GLN B 97 -10.85 -3.63 15.19
N PRO B 98 -11.66 -4.60 14.71
CA PRO B 98 -11.60 -6.03 15.02
C PRO B 98 -10.53 -6.72 14.19
N VAL B 99 -10.24 -7.99 14.50
CA VAL B 99 -9.12 -8.68 13.88
C VAL B 99 -9.54 -10.08 13.43
N PHE B 100 -8.76 -10.61 12.50
CA PHE B 100 -8.79 -12.04 12.14
C PHE B 100 -7.34 -12.48 12.14
N CYS B 101 -7.02 -13.59 12.83
CA CYS B 101 -5.66 -14.10 12.87
C CYS B 101 -5.59 -15.43 12.15
N THR B 102 -4.79 -15.49 11.08
CA THR B 102 -4.68 -16.72 10.30
C THR B 102 -3.92 -17.81 11.04
N LYS B 103 -3.07 -17.45 12.02
CA LYS B 103 -2.40 -18.48 12.81
C LYS B 103 -3.38 -19.19 13.74
N ILE B 104 -4.19 -18.41 14.46
CA ILE B 104 -5.23 -19.02 15.30
C ILE B 104 -6.20 -19.83 14.45
N ALA B 105 -6.63 -19.29 13.31
CA ALA B 105 -7.54 -20.03 12.43
C ALA B 105 -6.92 -21.32 11.95
N SER B 106 -5.61 -21.30 11.63
CA SER B 106 -4.90 -22.51 11.25
C SER B 106 -4.90 -23.54 12.39
N LYS B 107 -4.64 -23.09 13.62
CA LYS B 107 -4.64 -24.01 14.74
C LYS B 107 -6.00 -24.67 14.94
N LEU B 108 -7.08 -23.97 14.59
CA LEU B 108 -8.42 -24.49 14.79
C LEU B 108 -8.94 -25.28 13.60
N THR B 109 -8.19 -25.38 12.52
CA THR B 109 -8.63 -26.10 11.33
C THR B 109 -7.63 -27.14 10.86
N ARG B 110 -6.34 -26.80 10.85
CA ARG B 110 -5.29 -27.72 10.41
C ARG B 110 -4.84 -28.56 11.62
N THR B 111 -5.74 -29.46 12.01
CA THR B 111 -5.61 -30.26 13.22
C THR B 111 -4.68 -31.45 13.06
N TYR B 112 -4.14 -31.62 11.85
CA TYR B 112 -3.27 -32.73 11.49
C TYR B 112 -1.80 -32.36 11.53
N THR B 113 -1.46 -31.17 12.04
CA THR B 113 -0.09 -30.72 12.01
C THR B 113 0.19 -29.82 13.20
N ASP B 114 1.48 -29.72 13.56
CA ASP B 114 1.95 -28.72 14.51
C ASP B 114 2.68 -27.58 13.83
N ARG B 115 2.64 -27.51 12.50
CA ARG B 115 3.31 -26.47 11.73
C ARG B 115 2.28 -25.45 11.27
N HIS B 116 2.29 -24.27 11.90
CA HIS B 116 1.32 -23.22 11.61
C HIS B 116 1.98 -21.92 11.19
N GLY B 117 3.20 -22.01 10.66
CA GLY B 117 3.89 -20.83 10.20
C GLY B 117 3.36 -20.31 8.88
N LEU B 118 3.69 -19.06 8.56
CA LEU B 118 3.13 -18.43 7.37
C LEU B 118 3.64 -19.08 6.09
N LYS B 119 4.94 -19.39 6.01
CA LYS B 119 5.45 -20.06 4.82
C LYS B 119 4.72 -21.38 4.57
N GLU B 120 4.51 -22.17 5.64
CA GLU B 120 3.82 -23.46 5.52
C GLU B 120 2.41 -23.30 4.99
N ILE B 121 1.62 -22.37 5.57
CA ILE B 121 0.23 -22.29 5.12
C ILE B 121 0.12 -21.66 3.74
N CYS B 122 1.00 -20.73 3.39
CA CYS B 122 0.99 -20.23 2.02
C CYS B 122 1.24 -21.34 1.01
N SER B 123 2.18 -22.23 1.31
CA SER B 123 2.47 -23.33 0.40
C SER B 123 1.32 -24.32 0.37
N GLU B 124 0.82 -24.70 1.54
CA GLU B 124 -0.16 -25.78 1.59
C GLU B 124 -1.53 -25.33 1.07
N LEU B 125 -1.96 -24.13 1.44
CA LEU B 125 -3.32 -23.69 1.12
C LEU B 125 -3.40 -22.99 -0.23
N LEU B 126 -2.32 -22.33 -0.68
CA LEU B 126 -2.36 -21.53 -1.90
C LEU B 126 -1.34 -21.93 -2.96
N ASP B 127 -0.41 -22.84 -2.64
CA ASP B 127 0.72 -23.15 -3.53
C ASP B 127 1.54 -21.90 -3.85
N VAL B 128 1.75 -21.07 -2.83
CA VAL B 128 2.52 -19.85 -2.92
C VAL B 128 3.79 -20.02 -2.09
N SER B 129 4.95 -19.66 -2.67
CA SER B 129 6.24 -19.81 -2.01
CA SER B 129 6.24 -19.81 -2.01
C SER B 129 6.71 -18.45 -1.48
N ILE B 130 6.94 -18.37 -0.17
CA ILE B 130 7.53 -17.19 0.46
C ILE B 130 8.63 -17.67 1.41
N SER B 131 9.45 -16.72 1.87
CA SER B 131 10.46 -17.03 2.87
C SER B 131 9.84 -17.20 4.26
N LYS B 132 10.43 -18.10 5.05
CA LYS B 132 10.11 -18.13 6.46
C LYS B 132 10.61 -16.85 7.12
N GLN B 133 10.18 -16.62 8.35
CA GLN B 133 10.67 -15.44 9.07
C GLN B 133 12.17 -15.58 9.30
N GLN B 134 12.92 -14.53 8.96
CA GLN B 134 14.37 -14.53 9.01
C GLN B 134 14.87 -13.78 10.22
N GLN B 135 16.14 -14.00 10.56
CA GLN B 135 16.82 -13.33 11.66
C GLN B 135 18.05 -12.57 11.18
N SER B 136 18.09 -12.19 9.92
CA SER B 136 19.30 -11.65 9.32
CA SER B 136 19.30 -11.66 9.31
C SER B 136 19.20 -10.17 8.99
N SER B 137 18.08 -9.52 9.27
CA SER B 137 17.88 -8.12 8.87
C SER B 137 17.86 -7.19 10.08
N ASP B 138 18.67 -6.14 10.00
CA ASP B 138 18.56 -4.95 10.84
C ASP B 138 17.50 -4.06 10.20
N TRP B 139 16.26 -4.20 10.67
CA TRP B 139 15.16 -3.45 10.05
C TRP B 139 15.19 -1.96 10.38
N ALA B 140 16.07 -1.53 11.28
CA ALA B 140 16.25 -0.11 11.58
C ALA B 140 17.29 0.55 10.69
N ALA B 141 17.80 -0.15 9.69
CA ALA B 141 18.81 0.41 8.81
C ALA B 141 18.25 1.60 8.04
N GLU B 142 19.15 2.52 7.71
CA GLU B 142 18.75 3.72 6.98
C GLU B 142 18.15 3.38 5.63
N VAL B 143 18.73 2.39 4.94
CA VAL B 143 18.32 1.99 3.60
C VAL B 143 17.79 0.57 3.69
N LEU B 144 16.58 0.36 3.18
CA LEU B 144 16.03 -0.98 3.02
C LEU B 144 16.22 -1.43 1.58
N SER B 145 16.72 -2.65 1.39
CA SER B 145 16.99 -3.15 0.06
C SER B 145 15.71 -3.60 -0.63
N GLN B 146 15.79 -3.74 -1.96
CA GLN B 146 14.66 -4.26 -2.72
C GLN B 146 14.26 -5.64 -2.22
N ALA B 147 15.23 -6.49 -1.90
CA ALA B 147 14.93 -7.80 -1.36
C ALA B 147 14.16 -7.70 -0.04
N GLN B 148 14.52 -6.73 0.80
CA GLN B 148 13.80 -6.53 2.05
C GLN B 148 12.37 -6.06 1.79
N LEU B 149 12.18 -5.16 0.83
CA LEU B 149 10.83 -4.72 0.49
C LEU B 149 9.98 -5.89 0.00
N GLU B 150 10.57 -6.76 -0.83
CA GLU B 150 9.86 -7.93 -1.33
C GLU B 150 9.50 -8.89 -0.21
N TYR B 151 10.42 -9.12 0.72
CA TYR B 151 10.16 -9.96 1.88
C TYR B 151 9.01 -9.40 2.71
N ALA B 152 9.06 -8.10 3.02
CA ALA B 152 8.00 -7.51 3.83
C ALA B 152 6.65 -7.59 3.11
N ALA B 153 6.64 -7.30 1.81
CA ALA B 153 5.39 -7.37 1.06
C ALA B 153 4.82 -8.77 1.03
N SER B 154 5.69 -9.79 0.90
CA SER B 154 5.20 -11.17 0.85
C SER B 154 4.44 -11.57 2.10
N ASP B 155 4.69 -10.91 3.23
CA ASP B 155 4.01 -11.26 4.47
C ASP B 155 2.58 -10.77 4.52
N VAL B 156 2.19 -9.84 3.64
CA VAL B 156 0.81 -9.35 3.61
C VAL B 156 0.08 -9.64 2.31
N LEU B 157 0.78 -9.99 1.23
CA LEU B 157 0.14 -10.14 -0.08
C LEU B 157 -0.87 -11.27 -0.14
N TYR B 158 -0.81 -12.23 0.80
CA TYR B 158 -1.59 -13.47 0.72
C TYR B 158 -2.55 -13.66 1.87
N LEU B 159 -2.63 -12.72 2.82
CA LEU B 159 -3.44 -12.96 4.01
C LEU B 159 -4.94 -12.98 3.71
N HIS B 160 -5.42 -12.15 2.76
CA HIS B 160 -6.83 -12.22 2.40
C HIS B 160 -7.18 -13.59 1.83
N ARG B 161 -6.31 -14.12 0.96
CA ARG B 161 -6.56 -15.43 0.36
C ARG B 161 -6.52 -16.54 1.41
N LEU B 162 -5.59 -16.45 2.37
CA LEU B 162 -5.56 -17.43 3.45
C LEU B 162 -6.82 -17.34 4.30
N LYS B 163 -7.25 -16.13 4.64
CA LYS B 163 -8.46 -15.94 5.44
C LYS B 163 -9.68 -16.57 4.75
N ALA B 164 -9.80 -16.40 3.43
CA ALA B 164 -10.93 -16.99 2.72
C ALA B 164 -10.95 -18.51 2.86
N VAL B 165 -9.80 -19.15 2.66
CA VAL B 165 -9.72 -20.61 2.81
C VAL B 165 -10.03 -21.01 4.24
N LEU B 166 -9.42 -20.33 5.21
CA LEU B 166 -9.56 -20.72 6.61
C LEU B 166 -10.97 -20.50 7.12
N GLU B 167 -11.66 -19.45 6.65
CA GLU B 167 -13.06 -19.24 7.01
C GLU B 167 -13.92 -20.40 6.54
N GLN B 168 -13.68 -20.87 5.31
CA GLN B 168 -14.42 -22.01 4.79
C GLN B 168 -14.18 -23.25 5.64
N ARG B 169 -12.92 -23.46 6.06
CA ARG B 169 -12.63 -24.64 6.87
CA ARG B 169 -12.62 -24.64 6.87
C ARG B 169 -13.23 -24.54 8.26
N LEU B 170 -13.24 -23.34 8.84
CA LEU B 170 -13.86 -23.16 10.15
C LEU B 170 -15.35 -23.48 10.10
N GLU B 171 -16.02 -23.07 9.03
CA GLU B 171 -17.44 -23.39 8.87
C GLU B 171 -17.63 -24.88 8.64
N ARG B 172 -16.79 -25.48 7.78
CA ARG B 172 -16.91 -26.91 7.50
C ARG B 172 -16.80 -27.74 8.77
N ASP B 173 -15.84 -27.41 9.63
CA ASP B 173 -15.54 -28.22 10.80
C ASP B 173 -16.20 -27.70 12.07
N GLY B 174 -17.03 -26.67 11.97
CA GLY B 174 -17.92 -26.27 13.05
C GLY B 174 -17.30 -25.43 14.13
N ARG B 175 -16.33 -24.58 13.81
CA ARG B 175 -15.59 -23.84 14.82
C ARG B 175 -15.60 -22.33 14.61
N THR B 176 -16.50 -21.82 13.75
CA THR B 176 -16.54 -20.39 13.46
C THR B 176 -16.73 -19.55 14.73
N LYS B 177 -17.67 -19.95 15.60
CA LYS B 177 -17.96 -19.13 16.77
C LYS B 177 -16.80 -19.12 17.74
N GLN B 178 -16.12 -20.25 17.93
CA GLN B 178 -14.98 -20.26 18.85
C GLN B 178 -13.84 -19.43 18.30
N ALA B 179 -13.57 -19.52 16.98
CA ALA B 179 -12.55 -18.67 16.38
C ALA B 179 -12.88 -17.20 16.59
N GLU B 180 -14.13 -16.80 16.38
CA GLU B 180 -14.51 -15.39 16.55
C GLU B 180 -14.28 -14.93 17.98
N ALA B 181 -14.54 -15.79 18.96
CA ALA B 181 -14.30 -15.41 20.34
C ALA B 181 -12.80 -15.26 20.60
N CYS B 182 -11.96 -16.10 19.98
CA CYS B 182 -10.52 -15.93 20.09
C CYS B 182 -10.09 -14.60 19.50
N PHE B 183 -10.67 -14.22 18.34
CA PHE B 183 -10.30 -12.96 17.72
C PHE B 183 -10.73 -11.78 18.58
N LYS B 184 -11.90 -11.89 19.23
CA LYS B 184 -12.34 -10.82 20.12
CA LYS B 184 -12.34 -10.82 20.12
C LYS B 184 -11.42 -10.67 21.32
N PHE B 185 -10.87 -11.78 21.84
CA PHE B 185 -9.98 -11.70 22.98
C PHE B 185 -8.57 -11.28 22.61
N LEU B 186 -8.14 -11.53 21.36
CA LEU B 186 -6.74 -11.34 21.01
C LEU B 186 -6.21 -9.94 21.36
N PRO B 187 -6.93 -8.84 21.12
CA PRO B 187 -6.40 -7.53 21.55
C PRO B 187 -6.10 -7.47 23.04
N THR B 188 -6.93 -8.11 23.88
CA THR B 188 -6.62 -8.15 25.32
C THR B 188 -5.39 -9.01 25.60
N ARG B 189 -5.24 -10.13 24.88
CA ARG B 189 -4.03 -10.94 25.04
C ARG B 189 -2.78 -10.11 24.76
N SER B 190 -2.84 -9.27 23.71
CA SER B 190 -1.71 -8.39 23.38
C SER B 190 -1.52 -7.31 24.45
N GLU B 191 -2.62 -6.73 24.95
CA GLU B 191 -2.50 -5.76 26.05
C GLU B 191 -1.84 -6.39 27.26
N LEU B 192 -2.25 -7.62 27.61
CA LEU B 192 -1.66 -8.30 28.76
C LEU B 192 -0.17 -8.54 28.57
N ASP B 193 0.26 -8.83 27.32
CA ASP B 193 1.70 -8.95 27.06
C ASP B 193 2.42 -7.63 27.35
N LEU B 194 1.88 -6.51 26.87
CA LEU B 194 2.51 -5.23 27.12
C LEU B 194 2.51 -4.89 28.60
N MET B 195 1.48 -5.35 29.34
CA MET B 195 1.36 -5.04 30.76
C MET B 195 2.31 -5.86 31.63
N GLY B 196 2.87 -6.96 31.12
CA GLY B 196 3.85 -7.72 31.87
C GLY B 196 3.58 -9.22 31.98
N TRP B 197 2.59 -9.74 31.23
CA TRP B 197 2.27 -11.16 31.25
C TRP B 197 2.64 -11.86 29.95
N ALA B 198 3.66 -11.37 29.25
CA ALA B 198 4.00 -11.93 27.94
C ALA B 198 4.40 -13.39 28.01
N GLU B 199 4.94 -13.85 29.15
CA GLU B 199 5.38 -15.24 29.30
C GLU B 199 4.39 -16.12 30.05
N SER B 200 3.17 -15.64 30.30
CA SER B 200 2.19 -16.36 31.11
C SER B 200 0.93 -16.62 30.30
N ASP B 201 0.44 -17.86 30.35
CA ASP B 201 -0.91 -18.19 29.88
C ASP B 201 -1.88 -17.85 31.00
N ILE B 202 -2.68 -16.80 30.79
CA ILE B 202 -3.59 -16.32 31.84
C ILE B 202 -4.65 -17.36 32.19
N PHE B 203 -4.93 -18.31 31.30
CA PHE B 203 -5.93 -19.33 31.55
C PHE B 203 -5.36 -20.62 32.14
N ALA B 204 -4.08 -20.65 32.47
CA ALA B 204 -3.49 -21.85 33.07
C ALA B 204 -4.03 -22.09 34.50
N HIS B 205 -4.10 -23.36 34.88
CA HIS B 205 -4.56 -23.76 36.22
C HIS B 205 -3.59 -23.36 37.31
N THR C 3 10.87 20.11 10.68
CA THR C 3 12.32 20.08 10.82
C THR C 3 13.01 20.61 9.57
N ILE C 4 13.64 21.77 9.71
CA ILE C 4 14.28 22.47 8.60
C ILE C 4 15.75 22.62 8.96
N ARG C 5 16.63 22.15 8.09
CA ARG C 5 18.06 22.35 8.24
C ARG C 5 18.50 23.43 7.24
N PHE C 6 19.08 24.51 7.74
CA PHE C 6 19.51 25.61 6.89
C PHE C 6 21.00 25.47 6.56
N HIS C 7 21.36 25.79 5.32
CA HIS C 7 22.75 25.72 4.89
C HIS C 7 23.08 26.90 4.00
N ARG C 8 24.35 27.33 4.06
CA ARG C 8 24.90 28.27 3.10
C ARG C 8 25.60 27.49 2.00
N ASN C 9 25.25 27.80 0.74
CA ASN C 9 25.96 27.35 -0.46
C ASN C 9 25.66 25.92 -0.90
N ASP C 10 25.73 24.95 0.01
CA ASP C 10 25.65 23.55 -0.38
C ASP C 10 25.26 22.73 0.83
N LEU C 11 24.77 21.51 0.57
CA LEU C 11 24.71 20.51 1.62
C LEU C 11 26.12 20.23 2.13
N PRO C 12 26.29 19.99 3.43
CA PRO C 12 27.63 19.72 3.95
C PRO C 12 28.14 18.32 3.64
N ASN C 13 27.23 17.39 3.40
CA ASN C 13 27.51 16.00 3.07
C ASN C 13 26.17 15.38 2.66
N LEU C 14 26.19 14.10 2.31
CA LEU C 14 24.99 13.41 1.88
C LEU C 14 24.46 12.46 2.94
N ASP C 15 24.74 12.74 4.22
CA ASP C 15 24.34 11.82 5.29
C ASP C 15 22.84 11.61 5.33
N ASN C 16 22.04 12.64 5.02
CA ASN C 16 20.59 12.55 5.04
C ASN C 16 19.99 12.17 3.69
N TYR C 17 20.83 11.79 2.72
CA TYR C 17 20.38 11.56 1.34
C TYR C 17 20.78 10.19 0.85
N GLN C 18 20.75 9.20 1.74
CA GLN C 18 20.87 7.79 1.35
C GLN C 18 19.48 7.27 0.94
N VAL C 19 19.00 7.80 -0.19
CA VAL C 19 17.63 7.58 -0.66
C VAL C 19 17.67 7.36 -2.18
N ASP C 20 16.57 6.84 -2.71
CA ASP C 20 16.45 6.62 -4.15
CA ASP C 20 16.46 6.63 -4.15
C ASP C 20 15.62 7.70 -4.85
N ALA C 21 15.11 8.68 -4.10
CA ALA C 21 14.34 9.77 -4.69
C ALA C 21 14.46 10.96 -3.75
N VAL C 22 14.62 12.16 -4.35
CA VAL C 22 14.67 13.39 -3.58
C VAL C 22 13.65 14.36 -4.16
N ALA C 23 13.11 15.22 -3.31
CA ALA C 23 12.16 16.25 -3.73
C ALA C 23 12.88 17.60 -3.76
N ILE C 24 12.76 18.32 -4.88
CA ILE C 24 13.53 19.56 -5.09
C ILE C 24 12.63 20.69 -5.57
N ASP C 25 12.90 21.91 -5.09
CA ASP C 25 12.34 23.12 -5.67
C ASP C 25 13.40 24.21 -5.53
N THR C 26 13.14 25.36 -6.13
CA THR C 26 14.07 26.50 -6.06
C THR C 26 13.30 27.78 -5.79
N GLU C 27 14.04 28.78 -5.32
CA GLU C 27 13.55 30.16 -5.34
C GLU C 27 14.55 30.99 -6.13
N THR C 28 14.02 31.90 -6.94
CA THR C 28 14.82 32.74 -7.82
C THR C 28 14.27 34.16 -7.77
N LEU C 29 14.92 35.06 -8.51
CA LEU C 29 14.42 36.42 -8.64
C LEU C 29 13.37 36.57 -9.75
N GLY C 30 12.88 35.48 -10.33
CA GLY C 30 11.82 35.57 -11.32
C GLY C 30 11.87 34.42 -12.31
N LEU C 31 11.11 34.59 -13.39
CA LEU C 31 10.82 33.49 -14.30
C LEU C 31 11.83 33.32 -15.43
N ASN C 32 12.79 34.23 -15.58
CA ASN C 32 13.73 34.18 -16.70
C ASN C 32 15.07 33.67 -16.18
N PRO C 33 15.46 32.42 -16.44
CA PRO C 33 16.71 31.91 -15.83
C PRO C 33 17.96 32.69 -16.22
N HIS C 34 18.00 33.27 -17.42
CA HIS C 34 19.20 34.03 -17.78
CA HIS C 34 19.16 34.06 -17.84
C HIS C 34 19.28 35.34 -17.02
N ARG C 35 18.16 35.96 -16.67
CA ARG C 35 18.14 37.23 -15.96
C ARG C 35 18.07 37.09 -14.45
N ASP C 36 17.36 36.08 -13.96
CA ASP C 36 16.89 36.02 -12.58
C ASP C 36 17.61 34.89 -11.85
N ARG C 37 18.53 35.26 -10.96
CA ARG C 37 19.48 34.29 -10.41
C ARG C 37 18.79 33.32 -9.45
N LEU C 38 19.42 32.16 -9.33
CA LEU C 38 19.03 31.20 -8.29
C LEU C 38 19.42 31.74 -6.91
N CYS C 39 18.47 31.68 -5.97
CA CYS C 39 18.66 32.21 -4.62
C CYS C 39 18.56 31.15 -3.53
N VAL C 40 17.71 30.14 -3.71
CA VAL C 40 17.51 29.07 -2.73
C VAL C 40 17.33 27.76 -3.49
N VAL C 41 17.95 26.69 -3.00
CA VAL C 41 17.57 25.33 -3.38
C VAL C 41 17.02 24.67 -2.14
N GLN C 42 15.81 24.14 -2.24
CA GLN C 42 15.21 23.39 -1.14
C GLN C 42 15.06 21.94 -1.57
N ILE C 43 15.37 21.03 -0.64
CA ILE C 43 15.39 19.61 -0.96
C ILE C 43 14.94 18.82 0.25
N SER C 44 14.23 17.71 0.00
CA SER C 44 13.81 16.83 1.07
C SER C 44 14.10 15.38 0.70
N PRO C 45 14.52 14.56 1.66
CA PRO C 45 14.63 13.12 1.41
C PRO C 45 13.32 12.36 1.47
N GLY C 46 12.21 13.01 1.81
CA GLY C 46 10.91 12.38 1.89
C GLY C 46 10.48 11.96 3.29
N ASP C 47 11.29 12.25 4.31
CA ASP C 47 11.02 11.82 5.67
C ASP C 47 10.39 12.90 6.54
N GLY C 48 9.84 13.95 5.93
CA GLY C 48 9.26 15.02 6.71
C GLY C 48 10.24 16.08 7.15
N THR C 49 11.48 16.02 6.68
CA THR C 49 12.47 17.06 6.93
C THR C 49 12.87 17.71 5.61
N ALA C 50 13.42 18.90 5.71
CA ALA C 50 13.85 19.62 4.52
C ALA C 50 15.16 20.33 4.79
N ASP C 51 15.94 20.48 3.74
CA ASP C 51 17.15 21.28 3.74
C ASP C 51 16.90 22.49 2.86
N VAL C 52 17.18 23.67 3.39
CA VAL C 52 17.02 24.93 2.67
C VAL C 52 18.41 25.54 2.50
N ILE C 53 18.85 25.67 1.25
CA ILE C 53 20.24 26.04 0.94
C ILE C 53 20.23 27.41 0.28
N GLN C 54 20.87 28.38 0.94
CA GLN C 54 20.94 29.72 0.40
C GLN C 54 22.10 29.82 -0.58
N ILE C 55 21.80 30.27 -1.80
CA ILE C 55 22.75 30.33 -2.90
C ILE C 55 23.20 31.76 -3.07
N GLU C 56 24.51 31.99 -3.08
CA GLU C 56 25.03 33.35 -3.17
C GLU C 56 25.00 33.86 -4.62
N ALA C 57 25.02 35.18 -4.75
CA ALA C 57 25.15 35.77 -6.07
C ALA C 57 26.49 35.38 -6.67
N GLY C 58 26.45 34.91 -7.93
CA GLY C 58 27.65 34.48 -8.61
C GLY C 58 28.15 33.11 -8.23
N GLN C 59 27.39 32.36 -7.44
CA GLN C 59 27.83 31.04 -7.02
C GLN C 59 27.79 30.07 -8.19
N LYS C 60 28.92 29.41 -8.45
CA LYS C 60 29.05 28.53 -9.60
C LYS C 60 29.08 27.05 -9.25
N LYS C 61 29.34 26.70 -7.99
CA LYS C 61 29.51 25.31 -7.60
C LYS C 61 28.64 24.97 -6.38
N ALA C 62 28.20 23.73 -6.32
CA ALA C 62 27.49 23.18 -5.17
C ALA C 62 27.70 21.67 -5.21
N PRO C 63 28.91 21.21 -4.87
CA PRO C 63 29.30 19.84 -5.26
C PRO C 63 28.45 18.73 -4.67
N ASN C 64 27.98 18.86 -3.43
CA ASN C 64 27.20 17.76 -2.87
C ASN C 64 25.80 17.71 -3.47
N LEU C 65 25.16 18.87 -3.65
CA LEU C 65 23.89 18.90 -4.38
C LEU C 65 24.06 18.34 -5.78
N VAL C 66 25.16 18.73 -6.46
CA VAL C 66 25.37 18.29 -7.84
C VAL C 66 25.55 16.78 -7.92
N LYS C 67 26.19 16.17 -6.91
CA LYS C 67 26.26 14.71 -6.86
C LYS C 67 24.88 14.08 -6.92
N LEU C 68 23.92 14.62 -6.17
CA LEU C 68 22.55 14.10 -6.21
C LEU C 68 21.93 14.32 -7.58
N LEU C 69 22.13 15.51 -8.15
CA LEU C 69 21.54 15.81 -9.46
C LEU C 69 22.06 14.88 -10.54
N LYS C 70 23.35 14.50 -10.47
CA LYS C 70 23.97 13.64 -11.47
C LYS C 70 23.66 12.16 -11.25
N ASP C 71 23.29 11.77 -10.03
CA ASP C 71 23.20 10.36 -9.68
C ASP C 71 21.99 9.73 -10.37
N ARG C 72 22.24 8.88 -11.38
CA ARG C 72 21.16 8.33 -12.18
C ARG C 72 20.33 7.30 -11.41
N SER C 73 20.79 6.88 -10.24
CA SER C 73 20.03 5.98 -9.38
C SER C 73 19.04 6.71 -8.49
N ILE C 74 19.05 8.04 -8.46
CA ILE C 74 18.16 8.83 -7.62
C ILE C 74 17.22 9.63 -8.52
N THR C 75 15.91 9.42 -8.36
CA THR C 75 14.94 10.20 -9.12
C THR C 75 14.76 11.56 -8.45
N LYS C 76 14.86 12.63 -9.25
CA LYS C 76 14.63 13.97 -8.74
C LYS C 76 13.16 14.31 -8.99
N ILE C 77 12.41 14.55 -7.92
CA ILE C 77 10.98 14.85 -7.99
C ILE C 77 10.78 16.36 -7.93
N PHE C 78 9.99 16.90 -8.86
CA PHE C 78 9.66 18.32 -8.87
C PHE C 78 8.16 18.45 -9.06
N HIS C 79 7.61 19.59 -8.64
CA HIS C 79 6.35 20.05 -9.22
C HIS C 79 6.57 21.06 -10.33
N PHE C 80 7.51 21.96 -10.13
CA PHE C 80 7.89 22.94 -11.15
C PHE C 80 9.08 22.42 -11.96
N GLY C 81 8.90 21.25 -12.59
CA GLY C 81 10.06 20.55 -13.15
C GLY C 81 10.71 21.29 -14.32
N ARG C 82 9.91 21.65 -15.32
CA ARG C 82 10.47 22.31 -16.49
C ARG C 82 11.26 23.56 -16.11
N PHE C 83 10.74 24.35 -15.16
CA PHE C 83 11.44 25.55 -14.73
C PHE C 83 12.66 25.22 -13.88
N ASP C 84 12.48 24.40 -12.84
CA ASP C 84 13.59 24.15 -11.90
C ASP C 84 14.76 23.48 -12.58
N LEU C 85 14.50 22.56 -13.53
CA LEU C 85 15.59 21.90 -14.25
C LEU C 85 16.43 22.91 -15.01
N ALA C 86 15.78 23.87 -15.67
CA ALA C 86 16.53 24.91 -16.37
C ALA C 86 17.35 25.75 -15.41
N VAL C 87 16.75 26.15 -14.28
CA VAL C 87 17.44 26.99 -13.30
C VAL C 87 18.66 26.26 -12.74
N LEU C 88 18.50 24.98 -12.38
CA LEU C 88 19.61 24.22 -11.80
C LEU C 88 20.71 23.98 -12.82
N ALA C 89 20.37 23.60 -14.04
CA ALA C 89 21.40 23.40 -15.06
C ALA C 89 22.15 24.69 -15.36
N HIS C 90 21.42 25.82 -15.43
CA HIS C 90 22.07 27.10 -15.69
C HIS C 90 23.02 27.50 -14.56
N ALA C 91 22.64 27.19 -13.31
CA ALA C 91 23.45 27.60 -12.18
C ALA C 91 24.74 26.79 -12.06
N PHE C 92 24.64 25.46 -12.16
CA PHE C 92 25.73 24.59 -11.76
C PHE C 92 26.25 23.69 -12.88
N GLY C 93 25.62 23.70 -14.05
CA GLY C 93 26.18 23.04 -15.22
C GLY C 93 25.78 21.60 -15.45
N THR C 94 24.90 21.04 -14.62
CA THR C 94 24.44 19.66 -14.75
C THR C 94 22.93 19.68 -14.96
N MET C 95 22.46 19.01 -16.02
CA MET C 95 21.01 18.84 -16.17
C MET C 95 20.59 17.63 -15.36
N PRO C 96 19.78 17.79 -14.31
CA PRO C 96 19.44 16.64 -13.47
C PRO C 96 18.63 15.59 -14.23
N GLN C 97 18.91 14.32 -13.91
CA GLN C 97 18.12 13.21 -14.44
C GLN C 97 18.41 11.96 -13.60
N PRO C 98 17.47 11.02 -13.53
CA PRO C 98 16.10 11.06 -14.08
C PRO C 98 15.18 11.87 -13.19
N VAL C 99 13.99 12.17 -13.68
CA VAL C 99 13.07 13.07 -13.00
C VAL C 99 11.66 12.49 -12.96
N PHE C 100 10.86 12.99 -12.02
CA PHE C 100 9.42 12.80 -12.00
C PHE C 100 8.81 14.17 -11.74
N CYS C 101 7.82 14.58 -12.54
CA CYS C 101 7.18 15.88 -12.38
C CYS C 101 5.73 15.66 -11.98
N THR C 102 5.38 16.13 -10.77
CA THR C 102 4.00 15.99 -10.30
C THR C 102 3.01 16.83 -11.10
N LYS C 103 3.46 17.91 -11.76
CA LYS C 103 2.53 18.70 -12.56
C LYS C 103 2.16 17.96 -13.83
N ILE C 104 3.16 17.40 -14.53
CA ILE C 104 2.88 16.58 -15.71
C ILE C 104 2.02 15.38 -15.31
N ALA C 105 2.35 14.72 -14.20
CA ALA C 105 1.55 13.58 -13.76
C ALA C 105 0.10 14.00 -13.48
N SER C 106 -0.08 15.17 -12.85
CA SER C 106 -1.44 15.68 -12.63
C SER C 106 -2.18 15.92 -13.94
N LYS C 107 -1.51 16.52 -14.94
CA LYS C 107 -2.19 16.78 -16.20
C LYS C 107 -2.60 15.48 -16.89
N LEU C 108 -1.87 14.40 -16.67
CA LEU C 108 -2.18 13.13 -17.32
C LEU C 108 -3.19 12.29 -16.55
N THR C 109 -3.62 12.70 -15.36
CA THR C 109 -4.56 11.94 -14.52
C THR C 109 -5.76 12.74 -14.07
N ARG C 110 -5.56 13.99 -13.65
CA ARG C 110 -6.66 14.85 -13.19
C ARG C 110 -7.22 15.60 -14.40
N THR C 111 -7.88 14.81 -15.25
CA THR C 111 -8.39 15.25 -16.54
C THR C 111 -9.68 16.05 -16.43
N TYR C 112 -10.17 16.23 -15.21
CA TYR C 112 -11.44 16.89 -14.93
C TYR C 112 -11.24 18.34 -14.48
N THR C 113 -10.02 18.85 -14.56
CA THR C 113 -9.74 20.17 -14.04
C THR C 113 -8.62 20.80 -14.85
N ASP C 114 -8.58 22.13 -14.82
CA ASP C 114 -7.44 22.89 -15.32
C ASP C 114 -6.59 23.44 -14.19
N ARG C 115 -6.86 23.04 -12.94
CA ARG C 115 -6.09 23.51 -11.78
C ARG C 115 -5.07 22.45 -11.41
N HIS C 116 -3.80 22.68 -11.77
CA HIS C 116 -2.71 21.75 -11.53
C HIS C 116 -1.63 22.34 -10.65
N GLY C 117 -1.96 23.37 -9.87
CA GLY C 117 -0.97 23.96 -8.98
C GLY C 117 -0.67 23.11 -7.77
N LEU C 118 0.47 23.42 -7.13
CA LEU C 118 0.93 22.60 -6.01
C LEU C 118 -0.03 22.70 -4.82
N LYS C 119 -0.50 23.90 -4.49
CA LYS C 119 -1.47 24.04 -3.41
C LYS C 119 -2.72 23.21 -3.69
N GLU C 120 -3.24 23.28 -4.92
CA GLU C 120 -4.45 22.53 -5.27
C GLU C 120 -4.27 21.03 -5.06
N ILE C 121 -3.17 20.47 -5.56
CA ILE C 121 -3.04 19.01 -5.48
C ILE C 121 -2.68 18.55 -4.08
N CYS C 122 -1.95 19.35 -3.30
CA CYS C 122 -1.73 19.00 -1.90
C CYS C 122 -3.06 18.92 -1.15
N SER C 123 -3.96 19.86 -1.42
CA SER C 123 -5.26 19.84 -0.74
C SER C 123 -6.10 18.67 -1.21
N GLU C 124 -6.21 18.48 -2.52
CA GLU C 124 -7.11 17.46 -3.05
C GLU C 124 -6.62 16.06 -2.74
N LEU C 125 -5.32 15.80 -2.96
CA LEU C 125 -4.80 14.43 -2.86
C LEU C 125 -4.40 14.05 -1.45
N LEU C 126 -3.95 15.02 -0.62
CA LEU C 126 -3.38 14.71 0.69
C LEU C 126 -4.10 15.36 1.84
N ASP C 127 -5.05 16.27 1.60
CA ASP C 127 -5.64 17.11 2.64
C ASP C 127 -4.57 17.89 3.40
N VAL C 128 -3.55 18.37 2.68
CA VAL C 128 -2.46 19.20 3.22
C VAL C 128 -2.66 20.62 2.72
N SER C 129 -2.56 21.60 3.64
CA SER C 129 -2.69 23.02 3.30
C SER C 129 -1.33 23.68 3.25
N ILE C 130 -0.95 24.22 2.09
CA ILE C 130 0.24 25.04 1.92
C ILE C 130 -0.16 26.33 1.19
N SER C 131 0.78 27.27 1.14
CA SER C 131 0.51 28.50 0.42
C SER C 131 0.78 28.33 -1.07
N LYS C 132 0.05 29.10 -1.88
CA LYS C 132 0.34 29.15 -3.30
C LYS C 132 1.66 29.88 -3.53
N GLN C 133 2.17 29.79 -4.75
CA GLN C 133 3.39 30.52 -5.09
C GLN C 133 3.13 32.02 -5.01
N GLN C 134 3.94 32.70 -4.21
CA GLN C 134 3.74 34.11 -3.93
C GLN C 134 4.74 34.95 -4.73
N GLN C 135 4.48 36.26 -4.78
CA GLN C 135 5.32 37.19 -5.53
C GLN C 135 5.67 38.41 -4.68
N SER C 136 5.82 38.21 -3.37
CA SER C 136 6.08 39.31 -2.45
C SER C 136 7.43 39.22 -1.77
N SER C 137 8.21 38.18 -2.05
CA SER C 137 9.41 37.89 -1.27
C SER C 137 10.65 38.28 -2.07
N ASP C 138 11.55 39.02 -1.42
CA ASP C 138 12.90 39.21 -1.94
C ASP C 138 13.74 38.01 -1.50
N TRP C 139 13.87 37.05 -2.39
CA TRP C 139 14.61 35.84 -2.10
C TRP C 139 16.10 36.06 -2.14
N ALA C 140 16.55 37.26 -2.52
CA ALA C 140 17.96 37.62 -2.51
C ALA C 140 18.37 38.37 -1.25
N ALA C 141 17.55 38.34 -0.21
CA ALA C 141 17.89 39.00 1.05
C ALA C 141 19.16 38.40 1.64
N GLU C 142 19.88 39.20 2.44
CA GLU C 142 21.10 38.72 3.05
C GLU C 142 20.81 37.55 4.00
N VAL C 143 19.75 37.64 4.79
CA VAL C 143 19.35 36.62 5.73
C VAL C 143 17.89 36.26 5.47
N LEU C 144 17.64 34.99 5.19
CA LEU C 144 16.27 34.53 4.99
C LEU C 144 15.57 34.43 6.34
N SER C 145 14.31 34.88 6.37
CA SER C 145 13.53 34.85 7.59
C SER C 145 13.02 33.44 7.86
N GLN C 146 12.57 33.20 9.10
CA GLN C 146 11.97 31.92 9.44
C GLN C 146 10.76 31.64 8.57
N ALA C 147 9.92 32.65 8.31
CA ALA C 147 8.78 32.47 7.43
C ALA C 147 9.22 32.05 6.03
N GLN C 148 10.29 32.65 5.51
CA GLN C 148 10.81 32.25 4.21
C GLN C 148 11.31 30.80 4.22
N LEU C 149 12.02 30.40 5.27
CA LEU C 149 12.48 29.01 5.35
C LEU C 149 11.31 28.04 5.35
N GLU C 150 10.24 28.39 6.09
CA GLU C 150 9.08 27.50 6.19
C GLU C 150 8.34 27.42 4.86
N TYR C 151 8.19 28.55 4.16
CA TYR C 151 7.57 28.54 2.85
C TYR C 151 8.37 27.66 1.88
N ALA C 152 9.69 27.84 1.85
CA ALA C 152 10.52 27.06 0.95
C ALA C 152 10.43 25.57 1.26
N ALA C 153 10.50 25.23 2.56
CA ALA C 153 10.43 23.83 2.94
C ALA C 153 9.09 23.20 2.57
N SER C 154 7.99 23.95 2.70
CA SER C 154 6.67 23.41 2.39
CA SER C 154 6.69 23.37 2.40
C SER C 154 6.57 22.96 0.94
N ASP C 155 7.38 23.54 0.05
CA ASP C 155 7.31 23.19 -1.35
C ASP C 155 7.94 21.84 -1.67
N VAL C 156 8.73 21.28 -0.77
CA VAL C 156 9.35 19.98 -0.99
C VAL C 156 8.91 18.91 0.00
N LEU C 157 8.25 19.26 1.10
CA LEU C 157 7.91 18.27 2.12
C LEU C 157 6.92 17.22 1.64
N TYR C 158 6.11 17.52 0.62
CA TYR C 158 4.99 16.66 0.23
C TYR C 158 5.14 16.01 -1.13
N LEU C 159 6.25 16.25 -1.84
CA LEU C 159 6.36 15.76 -3.21
C LEU C 159 6.46 14.23 -3.30
N HIS C 160 7.11 13.58 -2.33
CA HIS C 160 7.16 12.12 -2.37
C HIS C 160 5.75 11.53 -2.24
N ARG C 161 4.94 12.10 -1.34
CA ARG C 161 3.55 11.64 -1.19
CA ARG C 161 3.55 11.64 -1.19
C ARG C 161 2.74 11.89 -2.45
N LEU C 162 2.89 13.09 -3.05
CA LEU C 162 2.17 13.39 -4.28
C LEU C 162 2.56 12.41 -5.39
N LYS C 163 3.85 12.12 -5.52
CA LYS C 163 4.31 11.16 -6.51
C LYS C 163 3.70 9.78 -6.28
N ALA C 164 3.66 9.33 -5.02
CA ALA C 164 3.06 8.03 -4.72
C ALA C 164 1.60 7.98 -5.15
N VAL C 165 0.83 9.03 -4.86
CA VAL C 165 -0.58 9.03 -5.23
C VAL C 165 -0.75 9.09 -6.75
N LEU C 166 0.02 9.98 -7.40
CA LEU C 166 -0.10 10.16 -8.85
C LEU C 166 0.39 8.94 -9.62
N GLU C 167 1.42 8.25 -9.13
CA GLU C 167 1.83 6.99 -9.75
C GLU C 167 0.67 5.99 -9.78
N GLN C 168 -0.06 5.91 -8.67
CA GLN C 168 -1.20 4.98 -8.59
C GLN C 168 -2.30 5.38 -9.58
N ARG C 169 -2.56 6.69 -9.70
CA ARG C 169 -3.59 7.15 -10.64
C ARG C 169 -3.17 6.90 -12.08
N LEU C 170 -1.88 7.09 -12.40
CA LEU C 170 -1.37 6.80 -13.74
C LEU C 170 -1.57 5.34 -14.10
N GLU C 171 -1.29 4.44 -13.16
CA GLU C 171 -1.49 3.01 -13.40
C GLU C 171 -2.97 2.71 -13.59
N ARG C 172 -3.83 3.29 -12.76
CA ARG C 172 -5.27 3.04 -12.86
C ARG C 172 -5.80 3.47 -14.23
N ASP C 173 -5.29 4.58 -14.75
CA ASP C 173 -5.80 5.09 -16.01
C ASP C 173 -5.02 4.61 -17.23
N GLY C 174 -4.01 3.78 -17.02
CA GLY C 174 -3.30 3.18 -18.14
C GLY C 174 -2.33 4.10 -18.83
N ARG C 175 -1.74 5.06 -18.11
CA ARG C 175 -0.91 6.07 -18.76
C ARG C 175 0.52 6.09 -18.24
N THR C 176 0.96 5.03 -17.56
CA THR C 176 2.29 5.02 -16.97
C THR C 176 3.38 5.16 -18.02
N LYS C 177 3.25 4.46 -19.14
CA LYS C 177 4.30 4.49 -20.16
C LYS C 177 4.40 5.86 -20.80
N GLN C 178 3.26 6.50 -21.07
CA GLN C 178 3.31 7.84 -21.65
C GLN C 178 3.91 8.84 -20.68
N ALA C 179 3.54 8.73 -19.39
CA ALA C 179 4.14 9.63 -18.40
C ALA C 179 5.64 9.44 -18.31
N GLU C 180 6.11 8.20 -18.33
CA GLU C 180 7.54 7.95 -18.26
C GLU C 180 8.27 8.55 -19.46
N ALA C 181 7.65 8.49 -20.64
CA ALA C 181 8.28 9.12 -21.80
C ALA C 181 8.33 10.63 -21.64
N CYS C 182 7.29 11.24 -21.07
CA CYS C 182 7.32 12.66 -20.79
C CYS C 182 8.46 13.01 -19.83
N PHE C 183 8.65 12.20 -18.78
CA PHE C 183 9.71 12.47 -17.81
C PHE C 183 11.09 12.29 -18.46
N LYS C 184 11.24 11.30 -19.34
CA LYS C 184 12.50 11.14 -20.06
C LYS C 184 12.81 12.34 -20.94
N PHE C 185 11.78 12.94 -21.55
CA PHE C 185 11.99 14.09 -22.42
C PHE C 185 12.15 15.40 -21.65
N LEU C 186 11.59 15.49 -20.45
CA LEU C 186 11.57 16.77 -19.74
C LEU C 186 12.94 17.44 -19.63
N PRO C 187 14.04 16.74 -19.32
CA PRO C 187 15.34 17.44 -19.30
C PRO C 187 15.68 18.10 -20.63
N THR C 188 15.32 17.47 -21.76
CA THR C 188 15.55 18.11 -23.06
C THR C 188 14.63 19.32 -23.24
N ARG C 189 13.38 19.22 -22.81
CA ARG C 189 12.50 20.38 -22.87
C ARG C 189 13.11 21.57 -22.13
N SER C 190 13.70 21.32 -20.96
CA SER C 190 14.35 22.39 -20.21
C SER C 190 15.62 22.89 -20.89
N GLU C 191 16.40 21.98 -21.49
CA GLU C 191 17.56 22.40 -22.28
C GLU C 191 17.13 23.30 -23.44
N LEU C 192 16.08 22.91 -24.17
CA LEU C 192 15.60 23.74 -25.27
C LEU C 192 15.16 25.11 -24.79
N ASP C 193 14.58 25.20 -23.58
CA ASP C 193 14.25 26.50 -23.01
C ASP C 193 15.50 27.36 -22.85
N LEU C 194 16.55 26.80 -22.24
CA LEU C 194 17.79 27.55 -22.05
C LEU C 194 18.43 27.92 -23.39
N MET C 195 18.27 27.06 -24.40
CA MET C 195 18.89 27.30 -25.69
C MET C 195 18.21 28.41 -26.47
N GLY C 196 16.95 28.73 -26.17
CA GLY C 196 16.27 29.82 -26.84
C GLY C 196 14.87 29.53 -27.34
N TRP C 197 14.29 28.38 -26.98
CA TRP C 197 12.94 28.02 -27.39
C TRP C 197 11.94 28.00 -26.22
N ALA C 198 12.18 28.81 -25.19
CA ALA C 198 11.30 28.77 -24.02
C ALA C 198 9.86 29.14 -24.37
N GLU C 199 9.64 29.91 -25.43
CA GLU C 199 8.29 30.35 -25.80
C GLU C 199 7.66 29.51 -26.90
N SER C 200 8.27 28.39 -27.28
CA SER C 200 7.81 27.62 -28.44
C SER C 200 7.60 26.17 -28.04
N ASP C 201 6.50 25.58 -28.53
CA ASP C 201 6.26 24.15 -28.44
C ASP C 201 6.93 23.51 -29.65
N ILE C 202 8.01 22.77 -29.41
CA ILE C 202 8.79 22.21 -30.52
C ILE C 202 7.99 21.20 -31.34
N PHE C 203 6.88 20.68 -30.80
CA PHE C 203 6.06 19.70 -31.51
C PHE C 203 4.88 20.33 -32.24
N ALA C 204 4.77 21.65 -32.25
CA ALA C 204 3.68 22.31 -32.97
C ALA C 204 3.79 22.14 -34.48
N HIS C 205 2.65 22.15 -35.14
CA HIS C 205 2.61 22.12 -36.61
C HIS C 205 2.95 23.51 -37.14
N THR D 3 9.23 6.96 -61.08
CA THR D 3 8.97 5.55 -60.89
C THR D 3 8.08 5.32 -59.68
N ILE D 4 6.82 4.99 -59.95
CA ILE D 4 5.77 4.89 -58.94
C ILE D 4 5.15 3.52 -59.06
N ARG D 5 5.26 2.73 -58.02
CA ARG D 5 4.64 1.41 -57.95
C ARG D 5 3.33 1.55 -57.18
N PHE D 6 2.21 1.24 -57.82
CA PHE D 6 0.90 1.33 -57.20
C PHE D 6 0.47 -0.02 -56.65
N HIS D 7 -0.11 0.00 -55.44
CA HIS D 7 -0.58 -1.23 -54.81
C HIS D 7 -1.92 -0.98 -54.13
N ARG D 8 -2.68 -2.06 -54.01
CA ARG D 8 -3.89 -2.06 -53.18
C ARG D 8 -3.56 -2.72 -51.85
N ASN D 9 -3.95 -2.05 -50.75
CA ASN D 9 -3.95 -2.59 -49.40
C ASN D 9 -2.58 -2.63 -48.72
N ASP D 10 -1.55 -3.16 -49.39
CA ASP D 10 -0.28 -3.38 -48.71
C ASP D 10 0.82 -3.50 -49.76
N LEU D 11 2.07 -3.35 -49.30
CA LEU D 11 3.19 -3.78 -50.13
C LEU D 11 3.08 -5.30 -50.34
N PRO D 12 3.35 -5.80 -51.55
CA PRO D 12 3.23 -7.25 -51.79
C PRO D 12 4.36 -8.05 -51.20
N ASN D 13 5.51 -7.42 -50.96
CA ASN D 13 6.70 -8.05 -50.40
C ASN D 13 7.61 -6.91 -49.99
N LEU D 14 8.76 -7.25 -49.40
CA LEU D 14 9.71 -6.24 -48.96
C LEU D 14 10.97 -6.21 -49.82
N ASP D 15 10.86 -6.63 -51.08
CA ASP D 15 12.05 -6.73 -51.92
C ASP D 15 12.67 -5.36 -52.23
N ASN D 16 11.90 -4.28 -52.16
CA ASN D 16 12.44 -2.94 -52.34
C ASN D 16 12.82 -2.27 -51.03
N TYR D 17 12.71 -3.00 -49.91
CA TYR D 17 12.84 -2.41 -48.59
C TYR D 17 13.88 -3.10 -47.73
N GLN D 18 14.93 -3.63 -48.35
CA GLN D 18 16.11 -4.11 -47.62
C GLN D 18 17.05 -2.92 -47.39
N VAL D 19 16.58 -2.01 -46.53
CA VAL D 19 17.20 -0.71 -46.32
C VAL D 19 17.16 -0.36 -44.83
N ASP D 20 17.95 0.63 -44.43
CA ASP D 20 18.03 1.06 -43.04
CA ASP D 20 17.97 1.02 -43.02
C ASP D 20 17.12 2.24 -42.72
N ALA D 21 16.49 2.85 -43.72
CA ALA D 21 15.61 3.98 -43.48
C ALA D 21 14.60 4.06 -44.61
N VAL D 22 13.35 4.39 -44.27
CA VAL D 22 12.27 4.53 -45.24
C VAL D 22 11.65 5.91 -45.04
N ALA D 23 11.11 6.47 -46.12
CA ALA D 23 10.41 7.75 -46.09
C ALA D 23 8.91 7.49 -46.25
N ILE D 24 8.10 8.05 -45.34
CA ILE D 24 6.67 7.75 -45.28
C ILE D 24 5.84 9.04 -45.20
N ASP D 25 4.69 9.03 -45.87
CA ASP D 25 3.65 10.02 -45.66
C ASP D 25 2.32 9.30 -45.86
N THR D 26 1.22 10.02 -45.56
CA THR D 26 -0.11 9.45 -45.75
C THR D 26 -1.01 10.48 -46.40
N GLU D 27 -2.12 9.99 -46.97
CA GLU D 27 -3.24 10.83 -47.33
C GLU D 27 -4.47 10.30 -46.62
N THR D 28 -5.33 11.22 -46.17
CA THR D 28 -6.50 10.88 -45.37
C THR D 28 -7.67 11.75 -45.83
N LEU D 29 -8.82 11.52 -45.21
CA LEU D 29 -9.97 12.38 -45.44
C LEU D 29 -9.95 13.68 -44.63
N GLY D 30 -8.87 13.97 -43.93
CA GLY D 30 -8.77 15.21 -43.17
C GLY D 30 -7.87 15.07 -41.96
N LEU D 31 -7.92 16.10 -41.10
CA LEU D 31 -6.93 16.27 -40.04
C LEU D 31 -7.26 15.55 -38.74
N ASN D 32 -8.45 14.94 -38.60
CA ASN D 32 -8.88 14.33 -37.35
C ASN D 32 -8.77 12.82 -37.50
N PRO D 33 -7.77 12.16 -36.91
CA PRO D 33 -7.61 10.73 -37.17
C PRO D 33 -8.79 9.87 -36.74
N HIS D 34 -9.55 10.27 -35.73
CA HIS D 34 -10.68 9.47 -35.32
CA HIS D 34 -10.70 9.49 -35.31
C HIS D 34 -11.83 9.57 -36.33
N ARG D 35 -11.98 10.71 -37.01
CA ARG D 35 -13.07 10.93 -37.96
C ARG D 35 -12.68 10.56 -39.39
N ASP D 36 -11.43 10.81 -39.76
CA ASP D 36 -11.01 10.90 -41.15
C ASP D 36 -10.08 9.75 -41.47
N ARG D 37 -10.57 8.80 -42.25
CA ARG D 37 -9.84 7.55 -42.39
C ARG D 37 -8.57 7.69 -43.22
N LEU D 38 -7.65 6.76 -42.98
CA LEU D 38 -6.47 6.59 -43.83
C LEU D 38 -6.90 6.11 -45.21
N CYS D 39 -6.38 6.79 -46.24
CA CYS D 39 -6.73 6.50 -47.62
C CYS D 39 -5.54 6.05 -48.46
N VAL D 40 -4.35 6.59 -48.22
CA VAL D 40 -3.15 6.26 -48.99
C VAL D 40 -1.98 6.23 -48.01
N VAL D 41 -1.12 5.22 -48.15
CA VAL D 41 0.21 5.25 -47.55
C VAL D 41 1.21 5.33 -48.69
N GLN D 42 2.06 6.35 -48.66
CA GLN D 42 3.14 6.46 -49.63
C GLN D 42 4.48 6.26 -48.93
N ILE D 43 5.38 5.52 -49.58
CA ILE D 43 6.63 5.13 -48.96
C ILE D 43 7.72 5.06 -50.03
N SER D 44 8.94 5.46 -49.66
CA SER D 44 10.07 5.38 -50.58
C SER D 44 11.28 4.78 -49.87
N PRO D 45 12.04 3.92 -50.56
CA PRO D 45 13.29 3.41 -49.99
C PRO D 45 14.46 4.38 -50.06
N GLY D 46 14.27 5.55 -50.66
CA GLY D 46 15.32 6.55 -50.76
C GLY D 46 16.11 6.53 -52.06
N ASP D 47 15.65 5.76 -53.05
CA ASP D 47 16.38 5.57 -54.30
C ASP D 47 15.70 6.25 -55.49
N GLY D 48 14.84 7.23 -55.23
CA GLY D 48 14.16 7.90 -56.32
C GLY D 48 12.92 7.19 -56.81
N THR D 49 12.47 6.14 -56.13
CA THR D 49 11.21 5.46 -56.45
C THR D 49 10.26 5.57 -55.27
N ALA D 50 8.99 5.33 -55.54
CA ALA D 50 7.99 5.38 -54.49
C ALA D 50 6.94 4.30 -54.70
N ASP D 51 6.35 3.86 -53.59
CA ASP D 51 5.22 2.96 -53.58
C ASP D 51 4.03 3.74 -53.03
N VAL D 52 2.91 3.69 -53.75
CA VAL D 52 1.69 4.39 -53.34
C VAL D 52 0.65 3.30 -53.11
N ILE D 53 0.19 3.19 -51.86
CA ILE D 53 -0.66 2.08 -51.42
C ILE D 53 -2.04 2.62 -51.09
N GLN D 54 -3.05 2.18 -51.86
CA GLN D 54 -4.44 2.59 -51.63
C GLN D 54 -5.05 1.73 -50.52
N ILE D 55 -5.54 2.38 -49.47
CA ILE D 55 -6.07 1.73 -48.27
C ILE D 55 -7.59 1.75 -48.36
N GLU D 56 -8.22 0.60 -48.17
CA GLU D 56 -9.67 0.53 -48.28
C GLU D 56 -10.33 1.02 -46.99
N ALA D 57 -11.59 1.42 -47.11
CA ALA D 57 -12.40 1.74 -45.94
C ALA D 57 -12.54 0.50 -45.08
N GLY D 58 -12.32 0.65 -43.77
CA GLY D 58 -12.41 -0.46 -42.85
C GLY D 58 -11.23 -1.39 -42.85
N GLN D 59 -10.16 -1.07 -43.58
CA GLN D 59 -8.99 -1.94 -43.61
C GLN D 59 -8.27 -1.91 -42.27
N LYS D 60 -8.06 -3.08 -41.67
CA LYS D 60 -7.43 -3.17 -40.36
C LYS D 60 -6.01 -3.71 -40.41
N LYS D 61 -5.58 -4.34 -41.50
CA LYS D 61 -4.27 -4.98 -41.58
C LYS D 61 -3.50 -4.51 -42.81
N ALA D 62 -2.18 -4.43 -42.66
CA ALA D 62 -1.25 -4.21 -43.77
C ALA D 62 0.09 -4.83 -43.37
N PRO D 63 0.18 -6.15 -43.40
CA PRO D 63 1.27 -6.82 -42.67
C PRO D 63 2.69 -6.48 -43.12
N ASN D 64 2.92 -6.33 -44.42
CA ASN D 64 4.27 -6.01 -44.88
C ASN D 64 4.67 -4.59 -44.47
N LEU D 65 3.78 -3.61 -44.67
CA LEU D 65 4.03 -2.27 -44.18
C LEU D 65 4.30 -2.28 -42.68
N VAL D 66 3.47 -3.01 -41.92
CA VAL D 66 3.60 -3.03 -40.47
C VAL D 66 4.93 -3.64 -40.03
N LYS D 67 5.44 -4.64 -40.75
CA LYS D 67 6.78 -5.16 -40.46
C LYS D 67 7.81 -4.04 -40.49
N LEU D 68 7.74 -3.17 -41.49
CA LEU D 68 8.67 -2.04 -41.56
C LEU D 68 8.48 -1.08 -40.39
N LEU D 69 7.21 -0.79 -40.04
CA LEU D 69 6.94 0.14 -38.96
C LEU D 69 7.45 -0.38 -37.62
N LYS D 70 7.38 -1.70 -37.39
CA LYS D 70 7.84 -2.31 -36.15
C LYS D 70 9.35 -2.49 -36.10
N ASP D 71 10.03 -2.54 -37.25
CA ASP D 71 11.43 -2.93 -37.30
C ASP D 71 12.30 -1.84 -36.69
N ARG D 72 12.86 -2.10 -35.50
CA ARG D 72 13.65 -1.10 -34.78
CA ARG D 72 13.63 -1.08 -34.80
C ARG D 72 14.96 -0.79 -35.48
N SER D 73 15.38 -1.61 -36.45
CA SER D 73 16.59 -1.36 -37.20
C SER D 73 16.37 -0.41 -38.39
N ILE D 74 15.13 -0.03 -38.67
CA ILE D 74 14.79 0.82 -39.79
C ILE D 74 14.23 2.15 -39.26
N THR D 75 14.88 3.26 -39.60
CA THR D 75 14.36 4.56 -39.22
C THR D 75 13.25 4.97 -40.17
N LYS D 76 12.11 5.37 -39.61
CA LYS D 76 11.00 5.89 -40.40
C LYS D 76 11.13 7.41 -40.45
N ILE D 77 11.32 7.95 -41.67
CA ILE D 77 11.50 9.39 -41.88
C ILE D 77 10.17 9.99 -42.30
N PHE D 78 9.77 11.08 -41.65
CA PHE D 78 8.55 11.79 -42.01
C PHE D 78 8.88 13.27 -42.05
N HIS D 79 8.06 14.02 -42.80
CA HIS D 79 7.95 15.45 -42.56
C HIS D 79 6.75 15.78 -41.67
N PHE D 80 5.62 15.17 -41.93
CA PHE D 80 4.42 15.33 -41.10
C PHE D 80 4.36 14.23 -40.03
N GLY D 81 5.42 14.18 -39.20
CA GLY D 81 5.59 13.03 -38.32
C GLY D 81 4.50 12.89 -37.27
N ARG D 82 4.24 13.98 -36.53
CA ARG D 82 3.26 13.91 -35.45
C ARG D 82 1.91 13.43 -35.96
N PHE D 83 1.49 13.93 -37.12
CA PHE D 83 0.23 13.52 -37.71
C PHE D 83 0.28 12.09 -38.24
N ASP D 84 1.27 11.79 -39.10
CA ASP D 84 1.31 10.47 -39.76
C ASP D 84 1.47 9.34 -38.76
N LEU D 85 2.24 9.54 -37.68
CA LEU D 85 2.40 8.49 -36.69
C LEU D 85 1.06 8.15 -36.05
N ALA D 86 0.27 9.18 -35.70
CA ALA D 86 -1.06 8.94 -35.13
C ALA D 86 -1.96 8.21 -36.13
N VAL D 87 -1.97 8.67 -37.38
CA VAL D 87 -2.81 8.03 -38.40
C VAL D 87 -2.43 6.56 -38.58
N LEU D 88 -1.14 6.26 -38.65
CA LEU D 88 -0.71 4.88 -38.91
C LEU D 88 -0.99 3.98 -37.70
N ALA D 89 -0.74 4.49 -36.50
CA ALA D 89 -1.01 3.70 -35.29
C ALA D 89 -2.50 3.42 -35.15
N HIS D 90 -3.34 4.42 -35.43
CA HIS D 90 -4.78 4.24 -35.37
C HIS D 90 -5.28 3.23 -36.39
N ALA D 91 -4.67 3.21 -37.58
CA ALA D 91 -5.15 2.34 -38.65
C ALA D 91 -4.80 0.88 -38.37
N PHE D 92 -3.54 0.61 -38.03
CA PHE D 92 -3.03 -0.76 -38.02
C PHE D 92 -2.50 -1.24 -36.68
N GLY D 93 -2.50 -0.40 -35.65
CA GLY D 93 -2.22 -0.85 -34.30
C GLY D 93 -0.79 -0.78 -33.84
N THR D 94 0.14 -0.36 -34.70
CA THR D 94 1.57 -0.30 -34.37
C THR D 94 2.01 1.15 -34.42
N MET D 95 2.60 1.63 -33.32
CA MET D 95 3.19 2.96 -33.34
C MET D 95 4.61 2.85 -33.91
N PRO D 96 4.87 3.41 -35.09
CA PRO D 96 6.20 3.24 -35.71
C PRO D 96 7.32 3.85 -34.87
N GLN D 97 8.46 3.17 -34.83
CA GLN D 97 9.66 3.71 -34.23
C GLN D 97 10.86 2.87 -34.67
N PRO D 98 12.06 3.44 -34.68
CA PRO D 98 12.40 4.84 -34.38
C PRO D 98 12.10 5.75 -35.56
N VAL D 99 12.13 7.06 -35.33
CA VAL D 99 11.71 8.03 -36.35
C VAL D 99 12.74 9.15 -36.48
N PHE D 100 12.68 9.82 -37.62
CA PHE D 100 13.33 11.11 -37.84
C PHE D 100 12.28 12.01 -38.47
N CYS D 101 12.10 13.22 -37.93
CA CYS D 101 11.12 14.16 -38.46
C CYS D 101 11.83 15.37 -39.05
N THR D 102 11.67 15.58 -40.37
CA THR D 102 12.34 16.70 -41.01
C THR D 102 11.76 18.05 -40.58
N LYS D 103 10.50 18.09 -40.11
CA LYS D 103 9.96 19.37 -39.67
C LYS D 103 10.57 19.77 -38.34
N ILE D 104 10.65 18.84 -37.38
CA ILE D 104 11.34 19.13 -36.13
C ILE D 104 12.79 19.48 -36.39
N ALA D 105 13.46 18.73 -37.27
CA ALA D 105 14.86 19.05 -37.57
C ALA D 105 14.99 20.43 -38.17
N SER D 106 14.05 20.82 -39.04
CA SER D 106 14.03 22.18 -39.59
C SER D 106 13.87 23.22 -38.49
N LYS D 107 12.95 23.01 -37.55
CA LYS D 107 12.76 23.99 -36.49
C LYS D 107 14.00 24.15 -35.63
N LEU D 108 14.79 23.10 -35.49
CA LEU D 108 15.99 23.15 -34.66
C LEU D 108 17.23 23.65 -35.39
N THR D 109 17.15 23.89 -36.70
CA THR D 109 18.30 24.34 -37.51
C THR D 109 18.01 25.61 -38.28
N ARG D 110 16.85 25.72 -38.91
CA ARG D 110 16.50 26.88 -39.73
C ARG D 110 15.83 27.92 -38.83
N THR D 111 16.65 28.49 -37.94
CA THR D 111 16.20 29.39 -36.89
C THR D 111 15.90 30.79 -37.39
N TYR D 112 16.16 31.05 -38.67
CA TYR D 112 15.99 32.35 -39.30
C TYR D 112 14.65 32.48 -39.99
N THR D 113 13.74 31.52 -39.81
CA THR D 113 12.48 31.56 -40.51
C THR D 113 11.40 30.90 -39.68
N ASP D 114 10.14 31.26 -39.97
CA ASP D 114 8.99 30.54 -39.44
C ASP D 114 8.33 29.64 -40.49
N ARG D 115 8.96 29.46 -41.64
CA ARG D 115 8.40 28.64 -42.71
CA ARG D 115 8.41 28.64 -42.72
C ARG D 115 9.13 27.30 -42.71
N HIS D 116 8.45 26.25 -42.24
CA HIS D 116 9.00 24.91 -42.12
C HIS D 116 8.21 23.88 -42.92
N GLY D 117 7.46 24.33 -43.92
CA GLY D 117 6.72 23.40 -44.77
C GLY D 117 7.62 22.58 -45.66
N LEU D 118 7.04 21.49 -46.18
CA LEU D 118 7.81 20.58 -47.03
C LEU D 118 8.22 21.24 -48.34
N LYS D 119 7.30 21.96 -48.99
CA LYS D 119 7.66 22.66 -50.21
C LYS D 119 8.82 23.62 -49.98
N GLU D 120 8.76 24.38 -48.87
CA GLU D 120 9.80 25.36 -48.57
C GLU D 120 11.16 24.71 -48.41
N ILE D 121 11.24 23.64 -47.61
CA ILE D 121 12.57 23.06 -47.36
C ILE D 121 13.09 22.30 -48.58
N CYS D 122 12.20 21.70 -49.38
CA CYS D 122 12.66 21.08 -50.61
C CYS D 122 13.30 22.11 -51.52
N SER D 123 12.70 23.31 -51.61
CA SER D 123 13.26 24.35 -52.46
C SER D 123 14.56 24.88 -51.87
N GLU D 124 14.56 25.21 -50.58
CA GLU D 124 15.72 25.87 -50.00
C GLU D 124 16.92 24.93 -49.86
N LEU D 125 16.68 23.69 -49.42
CA LEU D 125 17.79 22.79 -49.12
C LEU D 125 18.24 21.96 -50.32
N LEU D 126 17.35 21.67 -51.28
CA LEU D 126 17.66 20.77 -52.38
C LEU D 126 17.47 21.38 -53.76
N ASP D 127 16.90 22.59 -53.85
CA ASP D 127 16.48 23.16 -55.14
C ASP D 127 15.53 22.23 -55.90
N VAL D 128 14.59 21.63 -55.17
CA VAL D 128 13.56 20.75 -55.72
C VAL D 128 12.22 21.43 -55.56
N SER D 129 11.39 21.40 -56.62
CA SER D 129 10.07 22.00 -56.61
C SER D 129 9.00 20.92 -56.45
N ILE D 130 8.16 21.04 -55.43
CA ILE D 130 6.98 20.21 -55.25
C ILE D 130 5.81 21.12 -54.90
N SER D 131 4.61 20.53 -54.90
CA SER D 131 3.42 21.28 -54.51
CA SER D 131 3.41 21.26 -54.51
C SER D 131 3.29 21.33 -53.00
N LYS D 132 2.70 22.44 -52.51
CA LYS D 132 2.34 22.49 -51.10
C LYS D 132 1.19 21.52 -50.85
N GLN D 133 0.87 21.29 -49.58
CA GLN D 133 -0.25 20.43 -49.26
C GLN D 133 -1.55 21.06 -49.72
N GLN D 134 -2.33 20.32 -50.49
CA GLN D 134 -3.57 20.81 -51.07
C GLN D 134 -4.78 20.38 -50.26
N GLN D 135 -5.91 21.03 -50.53
CA GLN D 135 -7.19 20.72 -49.91
C GLN D 135 -8.27 20.42 -50.95
N SER D 136 -7.89 19.99 -52.14
CA SER D 136 -8.82 19.81 -53.24
CA SER D 136 -8.85 19.81 -53.22
C SER D 136 -9.08 18.36 -53.60
N SER D 137 -8.44 17.41 -52.90
CA SER D 137 -8.52 16.00 -53.27
C SER D 137 -9.35 15.22 -52.26
N ASP D 138 -10.33 14.49 -52.78
CA ASP D 138 -11.02 13.42 -52.07
C ASP D 138 -10.17 12.16 -52.21
N TRP D 139 -9.36 11.88 -51.19
CA TRP D 139 -8.45 10.75 -51.25
C TRP D 139 -9.14 9.40 -51.05
N ALA D 140 -10.43 9.39 -50.72
CA ALA D 140 -11.21 8.18 -50.58
C ALA D 140 -11.87 7.74 -51.88
N ALA D 141 -11.61 8.44 -52.99
CA ALA D 141 -12.22 8.07 -54.26
C ALA D 141 -11.79 6.67 -54.67
N GLU D 142 -12.71 5.96 -55.33
CA GLU D 142 -12.42 4.61 -55.79
C GLU D 142 -11.21 4.58 -56.71
N VAL D 143 -11.11 5.55 -57.62
CA VAL D 143 -10.03 5.62 -58.61
C VAL D 143 -9.21 6.88 -58.33
N LEU D 144 -7.92 6.68 -58.04
CA LEU D 144 -6.99 7.80 -57.87
C LEU D 144 -6.38 8.15 -59.23
N SER D 145 -6.26 9.46 -59.49
CA SER D 145 -5.74 9.92 -60.77
C SER D 145 -4.22 9.83 -60.80
N GLN D 146 -3.68 9.87 -62.02
CA GLN D 146 -2.22 9.89 -62.17
C GLN D 146 -1.61 11.09 -61.47
N ALA D 147 -2.27 12.25 -61.54
CA ALA D 147 -1.76 13.43 -60.83
C ALA D 147 -1.74 13.20 -59.34
N GLN D 148 -2.77 12.52 -58.80
CA GLN D 148 -2.77 12.22 -57.37
C GLN D 148 -1.64 11.27 -57.00
N LEU D 149 -1.39 10.25 -57.83
CA LEU D 149 -0.28 9.34 -57.53
C LEU D 149 1.06 10.08 -57.53
N GLU D 150 1.25 11.00 -58.49
CA GLU D 150 2.49 11.77 -58.55
C GLU D 150 2.62 12.72 -57.37
N TYR D 151 1.52 13.35 -56.96
CA TYR D 151 1.55 14.22 -55.78
C TYR D 151 1.93 13.44 -54.53
N ALA D 152 1.31 12.27 -54.33
CA ALA D 152 1.61 11.46 -53.16
C ALA D 152 3.08 11.02 -53.17
N ALA D 153 3.55 10.56 -54.32
CA ALA D 153 4.94 10.11 -54.42
C ALA D 153 5.92 11.26 -54.13
N SER D 154 5.60 12.48 -54.60
CA SER D 154 6.51 13.61 -54.40
CA SER D 154 6.53 13.58 -54.39
C SER D 154 6.73 13.89 -52.92
N ASP D 155 5.76 13.53 -52.07
CA ASP D 155 5.89 13.81 -50.65
C ASP D 155 6.88 12.88 -49.94
N VAL D 156 7.29 11.77 -50.57
CA VAL D 156 8.27 10.87 -49.98
C VAL D 156 9.58 10.77 -50.75
N LEU D 157 9.65 11.28 -51.98
CA LEU D 157 10.84 11.06 -52.81
C LEU D 157 12.07 11.80 -52.30
N TYR D 158 11.90 12.81 -51.44
CA TYR D 158 12.99 13.71 -51.07
C TYR D 158 13.36 13.68 -49.60
N LEU D 159 12.69 12.85 -48.79
CA LEU D 159 12.90 12.95 -47.35
C LEU D 159 14.26 12.42 -46.92
N HIS D 160 14.78 11.38 -47.59
CA HIS D 160 16.14 10.93 -47.27
C HIS D 160 17.15 12.04 -47.53
N ARG D 161 17.01 12.73 -48.66
CA ARG D 161 17.94 13.83 -48.98
C ARG D 161 17.80 14.98 -47.98
N LEU D 162 16.57 15.31 -47.58
CA LEU D 162 16.39 16.34 -46.57
C LEU D 162 17.03 15.94 -45.25
N LYS D 163 16.83 14.67 -44.85
CA LYS D 163 17.41 14.20 -43.59
C LYS D 163 18.93 14.33 -43.61
N ALA D 164 19.56 14.01 -44.75
CA ALA D 164 21.02 14.09 -44.81
C ALA D 164 21.49 15.53 -44.59
N VAL D 165 20.84 16.51 -45.23
CA VAL D 165 21.22 17.91 -45.04
C VAL D 165 20.96 18.34 -43.60
N LEU D 166 19.79 18.01 -43.08
CA LEU D 166 19.40 18.47 -41.75
C LEU D 166 20.28 17.85 -40.66
N GLU D 167 20.69 16.59 -40.83
CA GLU D 167 21.63 15.97 -39.89
C GLU D 167 22.94 16.75 -39.83
N GLN D 168 23.44 17.17 -40.99
CA GLN D 168 24.68 17.93 -41.01
C GLN D 168 24.51 19.27 -40.31
N ARG D 169 23.36 19.93 -40.52
CA ARG D 169 23.12 21.21 -39.88
C ARG D 169 22.97 21.06 -38.37
N LEU D 170 22.29 20.00 -37.93
CA LEU D 170 22.16 19.74 -36.49
C LEU D 170 23.52 19.58 -35.84
N GLU D 171 24.45 18.87 -36.50
CA GLU D 171 25.78 18.71 -35.92
C GLU D 171 26.53 20.03 -35.93
N ARG D 172 26.44 20.78 -37.04
CA ARG D 172 27.14 22.05 -37.14
C ARG D 172 26.73 23.01 -36.04
N ASP D 173 25.43 23.07 -35.74
CA ASP D 173 24.92 24.03 -34.77
C ASP D 173 24.75 23.45 -33.38
N GLY D 174 25.17 22.21 -33.16
CA GLY D 174 25.30 21.68 -31.81
C GLY D 174 24.02 21.17 -31.18
N ARG D 175 23.09 20.63 -31.98
CA ARG D 175 21.78 20.28 -31.46
C ARG D 175 21.41 18.83 -31.75
N THR D 176 22.36 17.99 -32.13
CA THR D 176 22.05 16.60 -32.47
C THR D 176 21.40 15.87 -31.31
N LYS D 177 21.93 16.02 -30.09
CA LYS D 177 21.38 15.27 -28.96
C LYS D 177 19.95 15.71 -28.64
N GLN D 178 19.67 17.01 -28.71
CA GLN D 178 18.31 17.47 -28.42
C GLN D 178 17.34 17.01 -29.49
N ALA D 179 17.75 17.04 -30.76
CA ALA D 179 16.89 16.51 -31.82
C ALA D 179 16.59 15.04 -31.60
N GLU D 180 17.61 14.25 -31.25
CA GLU D 180 17.38 12.82 -31.03
C GLU D 180 16.38 12.59 -29.90
N ALA D 181 16.45 13.41 -28.84
CA ALA D 181 15.48 13.28 -27.77
C ALA D 181 14.07 13.63 -28.24
N CYS D 182 13.95 14.65 -29.10
CA CYS D 182 12.65 14.97 -29.68
C CYS D 182 12.12 13.81 -30.49
N PHE D 183 12.98 13.16 -31.30
CA PHE D 183 12.53 12.03 -32.12
C PHE D 183 12.13 10.85 -31.25
N LYS D 184 12.82 10.64 -30.13
CA LYS D 184 12.45 9.56 -29.22
C LYS D 184 11.09 9.82 -28.59
N PHE D 185 10.78 11.09 -28.31
CA PHE D 185 9.49 11.42 -27.69
C PHE D 185 8.35 11.47 -28.69
N LEU D 186 8.63 11.75 -29.96
CA LEU D 186 7.56 12.01 -30.92
C LEU D 186 6.50 10.89 -30.98
N PRO D 187 6.86 9.60 -30.96
CA PRO D 187 5.80 8.58 -30.91
C PRO D 187 4.87 8.74 -29.72
N THR D 188 5.40 9.15 -28.54
CA THR D 188 4.52 9.41 -27.41
C THR D 188 3.67 10.66 -27.63
N ARG D 189 4.22 11.70 -28.24
CA ARG D 189 3.41 12.87 -28.57
C ARG D 189 2.22 12.49 -29.43
N SER D 190 2.44 11.62 -30.42
CA SER D 190 1.35 11.15 -31.27
C SER D 190 0.37 10.26 -30.53
N GLU D 191 0.86 9.41 -29.61
CA GLU D 191 -0.03 8.62 -28.77
C GLU D 191 -0.92 9.52 -27.92
N LEU D 192 -0.33 10.54 -27.31
CA LEU D 192 -1.10 11.47 -26.51
C LEU D 192 -2.17 12.18 -27.34
N ASP D 193 -1.86 12.48 -28.60
CA ASP D 193 -2.87 13.04 -29.49
C ASP D 193 -4.06 12.09 -29.66
N LEU D 194 -3.77 10.82 -29.93
CA LEU D 194 -4.86 9.84 -30.07
C LEU D 194 -5.63 9.65 -28.77
N MET D 195 -4.94 9.76 -27.63
CA MET D 195 -5.57 9.55 -26.33
C MET D 195 -6.50 10.69 -25.95
N GLY D 196 -6.33 11.88 -26.53
CA GLY D 196 -7.24 12.97 -26.22
C GLY D 196 -6.59 14.31 -25.92
N TRP D 197 -5.27 14.42 -26.13
CA TRP D 197 -4.55 15.66 -25.84
C TRP D 197 -4.03 16.34 -27.11
N ALA D 198 -4.70 16.11 -28.24
CA ALA D 198 -4.20 16.67 -29.50
C ALA D 198 -4.13 18.19 -29.49
N GLU D 199 -4.92 18.87 -28.66
CA GLU D 199 -4.92 20.33 -28.64
C GLU D 199 -4.16 20.91 -27.45
N SER D 200 -3.33 20.11 -26.79
CA SER D 200 -2.68 20.52 -25.54
C SER D 200 -1.18 20.23 -25.60
N ASP D 201 -0.37 21.21 -25.22
CA ASP D 201 1.06 21.00 -25.03
C ASP D 201 1.23 20.48 -23.60
N ILE D 202 1.59 19.20 -23.49
CA ILE D 202 1.68 18.55 -22.17
C ILE D 202 2.74 19.20 -21.30
N PHE D 203 3.70 19.92 -21.90
CA PHE D 203 4.78 20.57 -21.16
C PHE D 203 4.47 22.01 -20.76
N ALA D 204 3.31 22.53 -21.10
CA ALA D 204 2.98 23.91 -20.76
C ALA D 204 2.77 24.07 -19.25
N HIS D 205 2.99 25.29 -18.77
CA HIS D 205 2.74 25.60 -17.36
C HIS D 205 1.23 25.72 -17.13
N1 EPE E . -9.87 -30.24 40.23
C2 EPE E . -10.16 -30.37 41.67
C3 EPE E . -10.58 -31.79 42.04
N4 EPE E . -11.51 -32.41 41.12
C5 EPE E . -11.37 -32.09 39.72
C6 EPE E . -11.10 -30.61 39.50
C7 EPE E . -11.93 -33.78 41.40
C8 EPE E . -12.67 -33.91 42.72
O8 EPE E . -13.95 -33.36 42.55
C9 EPE E . -9.57 -28.84 39.90
C10 EPE E . -8.95 -28.79 38.49
S EPE E . -8.32 -27.16 38.05
O1S EPE E . -7.33 -26.74 39.05
O2S EPE E . -9.44 -26.22 38.02
O3S EPE E . -7.70 -27.22 36.73
S SO4 F . -32.56 -37.27 33.79
O1 SO4 F . -32.15 -36.02 34.42
O2 SO4 F . -32.85 -38.26 34.83
O3 SO4 F . -31.49 -37.77 32.93
O4 SO4 F . -33.76 -37.03 32.99
S SO4 G . -15.81 -15.28 58.74
O1 SO4 G . -16.77 -14.63 59.63
O2 SO4 G . -15.06 -16.28 59.47
O3 SO4 G . -16.53 -15.92 57.63
O4 SO4 G . -14.89 -14.26 58.21
S SO4 H . -6.24 -25.18 46.34
O1 SO4 H . -6.93 -24.77 47.56
O2 SO4 H . -6.30 -26.64 46.17
O3 SO4 H . -4.84 -24.78 46.45
O4 SO4 H . -6.84 -24.54 45.19
N1 EPE I . 8.25 -11.89 14.66
C2 EPE I . 8.89 -11.18 15.78
C3 EPE I . 9.58 -9.90 15.33
N4 EPE I . 10.46 -10.10 14.20
C5 EPE I . 10.19 -11.12 13.20
C6 EPE I . 9.25 -12.25 13.62
C7 EPE I . 11.63 -9.22 14.07
C8 EPE I . 11.92 -8.83 12.63
O8 EPE I . 10.93 -7.93 12.21
C9 EPE I . 7.63 -13.15 15.15
C10 EPE I . 6.83 -12.96 16.44
S EPE I . 5.68 -14.34 16.80
O1S EPE I . 4.38 -13.87 16.35
O2S EPE I . 5.63 -14.61 18.24
O3S EPE I . 6.05 -15.55 16.07
S SO4 J . 0.01 -16.69 -7.26
O1 SO4 J . -0.94 -17.74 -6.92
O2 SO4 J . -0.13 -15.56 -6.33
O3 SO4 J . -0.25 -16.22 -8.62
O4 SO4 J . 1.37 -17.22 -7.17
S SO4 K . 5.97 11.98 15.26
O1 SO4 K . 5.12 13.16 15.43
O2 SO4 K . 6.31 11.44 16.58
O3 SO4 K . 5.26 10.98 14.48
O4 SO4 K . 7.20 12.35 14.55
S SO4 L . 7.20 -18.86 9.46
O1 SO4 L . 6.08 -18.29 10.20
O2 SO4 L . 7.32 -20.31 9.74
O3 SO4 L . 8.45 -18.22 9.91
O4 SO4 L . 7.02 -18.65 8.01
S SO4 M . 31.75 29.28 -6.27
O1 SO4 M . 30.66 28.36 -5.93
O2 SO4 M . 31.88 30.28 -5.20
O3 SO4 M . 33.00 28.54 -6.38
O4 SO4 M . 31.46 29.95 -7.53
S SO4 N . 9.15 39.64 -17.24
O1 SO4 N . 7.81 40.12 -17.58
O2 SO4 N . 9.29 39.60 -15.79
O3 SO4 N . 9.35 38.30 -17.79
O4 SO4 N . 10.15 40.56 -17.80
S SO4 O . 0.50 27.05 -7.03
O1 SO4 O . 1.07 28.41 -6.97
O2 SO4 O . 0.43 26.46 -5.69
O3 SO4 O . 1.35 26.24 -7.90
O4 SO4 O . -0.85 27.17 -7.61
N1 EPE P . 7.73 30.10 -10.56
C2 EPE P . 7.43 30.17 -9.11
C3 EPE P . 7.99 31.47 -8.51
N4 EPE P . 9.35 31.77 -8.91
C5 EPE P . 9.73 31.50 -10.28
C6 EPE P . 9.19 30.15 -10.73
C7 EPE P . 10.01 32.93 -8.32
C8 EPE P . 10.13 32.83 -6.80
O8 EPE P . 11.17 31.94 -6.49
C9 EPE P . 7.28 28.83 -11.12
C10 EPE P . 6.68 29.11 -12.49
S EPE P . 6.35 27.65 -13.49
O1S EPE P . 7.20 26.53 -13.05
O2S EPE P . 4.95 27.30 -13.33
O3S EPE P . 6.64 27.94 -14.89
S SO4 Q . -8.59 -6.28 -43.34
O1 SO4 Q . -9.31 -5.56 -42.27
O2 SO4 Q . -8.44 -7.68 -42.96
O3 SO4 Q . -9.34 -6.17 -44.58
O4 SO4 Q . -7.27 -5.68 -43.53
S SO4 R . 16.66 16.49 -58.56
O1 SO4 R . 15.85 15.47 -57.90
O2 SO4 R . 17.50 17.18 -57.60
O3 SO4 R . 17.50 15.85 -59.57
O4 SO4 R . 15.77 17.45 -59.20
S SO4 S . 3.66 22.53 -47.02
O1 SO4 S . 3.92 23.93 -46.70
O2 SO4 S . 4.07 21.66 -45.91
O3 SO4 S . 4.38 22.16 -48.25
O4 SO4 S . 2.21 22.38 -47.25
S SO4 T . 27.52 24.30 -44.82
O1 SO4 T . 26.67 24.30 -43.64
O2 SO4 T . 28.80 24.92 -44.49
O3 SO4 T . 27.76 22.92 -45.26
O4 SO4 T . 26.88 25.04 -45.91
N1 EPE U . -2.24 17.29 -43.33
C2 EPE U . -2.12 17.59 -44.76
C3 EPE U . -3.42 17.22 -45.49
N4 EPE U . -4.03 15.96 -45.09
C5 EPE U . -3.80 15.46 -43.76
C6 EPE U . -2.42 15.85 -43.22
C7 EPE U . -5.27 15.55 -45.72
C8 EPE U . -5.04 15.05 -47.14
O8 EPE U . -4.37 13.80 -47.05
C9 EPE U . -0.98 17.62 -42.61
C10 EPE U . -1.30 17.89 -41.14
S EPE U . 0.10 18.54 -40.17
O1S EPE U . 1.12 17.50 -40.05
O2S EPE U . -0.38 18.91 -38.84
O3S EPE U . 0.69 19.70 -40.85
#